data_1P54
# 
_entry.id   1P54 
# 
_audit_conform.dict_name       mmcif_pdbx.dic 
_audit_conform.dict_version    5.376 
_audit_conform.dict_location   http://mmcif.pdb.org/dictionaries/ascii/mmcif_pdbx.dic 
# 
loop_
_database_2.database_id 
_database_2.database_code 
_database_2.pdbx_database_accession 
_database_2.pdbx_DOI 
PDB   1P54         pdb_00001p54 10.2210/pdb1p54/pdb 
NDB   UD0030       ?            ?                   
RCSB  RCSB019018   ?            ?                   
WWPDB D_1000019018 ?            ?                   
# 
loop_
_pdbx_database_related.db_name 
_pdbx_database_related.db_id 
_pdbx_database_related.details 
_pdbx_database_related.content_type 
PDB 1P4Y 'Effect of Sequence on the Conformational Geometry of DNA Holliday Junctions' unspecified 
PDB 1P4Z 'Effect of Sequence on the Conformational Geometry of DNA Holliday Junctions' unspecified 
# 
_pdbx_database_status.status_code                     REL 
_pdbx_database_status.entry_id                        1P54 
_pdbx_database_status.recvd_initial_deposition_date   2003-04-25 
_pdbx_database_status.deposit_site                    RCSB 
_pdbx_database_status.process_site                    RCSB 
_pdbx_database_status.status_code_sf                  REL 
_pdbx_database_status.SG_entry                        . 
_pdbx_database_status.pdb_format_compatible           Y 
_pdbx_database_status.status_code_mr                  ? 
_pdbx_database_status.status_code_cs                  ? 
_pdbx_database_status.status_code_nmr_data            ? 
_pdbx_database_status.methods_development_category    ? 
# 
loop_
_audit_author.name 
_audit_author.pdbx_ordinal 
'Hays, F.A.'     1 
'Vargason, J.M.' 2 
'Ho, P.S.'       3 
# 
_citation.id                        primary 
_citation.title                     'Effect of Sequence on the Conformation of DNA Holliday Junctions' 
_citation.journal_abbrev            Biochemistry 
_citation.journal_volume            42 
_citation.page_first                9586 
_citation.page_last                 9597 
_citation.year                      2003 
_citation.journal_id_ASTM           BICHAW 
_citation.country                   US 
_citation.journal_id_ISSN           0006-2960 
_citation.journal_id_CSD            0033 
_citation.book_publisher            ? 
_citation.pdbx_database_id_PubMed   12911300 
_citation.pdbx_database_id_DOI      10.1021/bi0346603 
# 
loop_
_citation_author.citation_id 
_citation_author.name 
_citation_author.ordinal 
_citation_author.identifier_ORCID 
primary 'Hays, F.A.'     1 ? 
primary 'Vargason, J.M.' 2 ? 
primary 'Ho, P.S.'       3 ? 
# 
_cell.entry_id           1P54 
_cell.length_a           64.840 
_cell.length_b           22.580 
_cell.length_c           38.070 
_cell.angle_alpha        90.00 
_cell.angle_beta         106.78 
_cell.angle_gamma        90.00 
_cell.Z_PDB              8 
_cell.pdbx_unique_axis   ? 
# 
_symmetry.entry_id                         1P54 
_symmetry.space_group_name_H-M             'C 1 2 1' 
_symmetry.pdbx_full_space_group_name_H-M   ? 
_symmetry.cell_setting                     ? 
_symmetry.Int_Tables_number                5 
# 
loop_
_entity.id 
_entity.type 
_entity.src_method 
_entity.pdbx_description 
_entity.formula_weight 
_entity.pdbx_number_of_molecules 
_entity.pdbx_ec 
_entity.pdbx_mutation 
_entity.pdbx_fragment 
_entity.details 
1 polymer     syn "5'-D(*CP*CP*AP*GP*TP*AP*CP*(BRU)P*GP*G)-3'" 3109.874 2  ? ? ? ? 
2 non-polymer syn 'SODIUM ION'                                 22.990   1  ? ? ? ? 
3 non-polymer syn 'CALCIUM ION'                                40.078   1  ? ? ? ? 
4 water       nat water                                        18.015   87 ? ? ? ? 
# 
_entity_poly.entity_id                      1 
_entity_poly.type                           polydeoxyribonucleotide 
_entity_poly.nstd_linkage                   no 
_entity_poly.nstd_monomer                   yes 
_entity_poly.pdbx_seq_one_letter_code       '(DC)(DC)(DA)(DG)(DT)(DA)(DC)(BRU)(DG)(DG)' 
_entity_poly.pdbx_seq_one_letter_code_can   CCAGTACUGG 
_entity_poly.pdbx_strand_id                 A,B 
_entity_poly.pdbx_target_identifier         ? 
# 
loop_
_entity_poly_seq.entity_id 
_entity_poly_seq.num 
_entity_poly_seq.mon_id 
_entity_poly_seq.hetero 
1 1  DC  n 
1 2  DC  n 
1 3  DA  n 
1 4  DG  n 
1 5  DT  n 
1 6  DA  n 
1 7  DC  n 
1 8  BRU n 
1 9  DG  n 
1 10 DG  n 
# 
_pdbx_entity_src_syn.entity_id              1 
_pdbx_entity_src_syn.pdbx_src_id            1 
_pdbx_entity_src_syn.pdbx_alt_source_flag   sample 
_pdbx_entity_src_syn.pdbx_beg_seq_num       ? 
_pdbx_entity_src_syn.pdbx_end_seq_num       ? 
_pdbx_entity_src_syn.organism_scientific    ? 
_pdbx_entity_src_syn.organism_common_name   ? 
_pdbx_entity_src_syn.ncbi_taxonomy_id       ? 
_pdbx_entity_src_syn.details                
;DNA was synthesized on an Applied Biosystems DNA synthesizer using phosphoramidite chemistry, with the trityl-protecting group left intact at the 5-terminal nucleotide, FOR SUBSEQUENT HPLC PURIFICATION, THEN DEPROTECTED BY TREATMENT WITH 3% ACETIC ACID FOR FIFTEEN MINUTES, NEUTRALIZED WITH AMMONIUM HYDROXIDE, AND DESALTED ON A SIGMA G-25 SEPHADEX COLUMN.
;
# 
_struct_ref.id                         1 
_struct_ref.entity_id                  1 
_struct_ref.db_name                    PDB 
_struct_ref.db_code                    1P54 
_struct_ref.pdbx_db_accession          1P54 
_struct_ref.pdbx_db_isoform            ? 
_struct_ref.pdbx_seq_one_letter_code   ? 
_struct_ref.pdbx_align_begin           ? 
# 
loop_
_struct_ref_seq.align_id 
_struct_ref_seq.ref_id 
_struct_ref_seq.pdbx_PDB_id_code 
_struct_ref_seq.pdbx_strand_id 
_struct_ref_seq.seq_align_beg 
_struct_ref_seq.pdbx_seq_align_beg_ins_code 
_struct_ref_seq.seq_align_end 
_struct_ref_seq.pdbx_seq_align_end_ins_code 
_struct_ref_seq.pdbx_db_accession 
_struct_ref_seq.db_align_beg 
_struct_ref_seq.pdbx_db_align_beg_ins_code 
_struct_ref_seq.db_align_end 
_struct_ref_seq.pdbx_db_align_end_ins_code 
_struct_ref_seq.pdbx_auth_seq_align_beg 
_struct_ref_seq.pdbx_auth_seq_align_end 
1 1 1P54 A 1 ? 10 ? 1P54 1  ? 10 ? 1  10 
2 1 1P54 B 1 ? 10 ? 1P54 11 ? 20 ? 11 20 
# 
loop_
_chem_comp.id 
_chem_comp.type 
_chem_comp.mon_nstd_flag 
_chem_comp.name 
_chem_comp.pdbx_synonyms 
_chem_comp.formula 
_chem_comp.formula_weight 
BRU 'DNA linking' n "5-BROMO-2'-DEOXYURIDINE-5'-MONOPHOSPHATE" ? 'C9 H12 Br N2 O8 P' 387.078 
CA  non-polymer   . 'CALCIUM ION'                              ? 'Ca 2'              40.078  
DA  'DNA linking' y "2'-DEOXYADENOSINE-5'-MONOPHOSPHATE"       ? 'C10 H14 N5 O6 P'   331.222 
DC  'DNA linking' y "2'-DEOXYCYTIDINE-5'-MONOPHOSPHATE"        ? 'C9 H14 N3 O7 P'    307.197 
DG  'DNA linking' y "2'-DEOXYGUANOSINE-5'-MONOPHOSPHATE"       ? 'C10 H14 N5 O7 P'   347.221 
DT  'DNA linking' y "THYMIDINE-5'-MONOPHOSPHATE"               ? 'C10 H15 N2 O8 P'   322.208 
HOH non-polymer   . WATER                                      ? 'H2 O'              18.015  
NA  non-polymer   . 'SODIUM ION'                               ? 'Na 1'              22.990  
# 
_exptl.entry_id          1P54 
_exptl.method            'X-RAY DIFFRACTION' 
_exptl.crystals_number   1 
# 
_exptl_crystal.id                    1 
_exptl_crystal.density_meas          ? 
_exptl_crystal.density_Matthews      1.93 
_exptl_crystal.density_percent_sol   35.87 
_exptl_crystal.description           ? 
# 
_exptl_crystal_grow.crystal_id      1 
_exptl_crystal_grow.method          ? 
_exptl_crystal_grow.temp            298 
_exptl_crystal_grow.temp_details    ? 
_exptl_crystal_grow.pH              7.50 
_exptl_crystal_grow.pdbx_details    
;0.6mM DNA, 5mM Tris-HCL, 120mM calcium acetate, 16% 2-methyl-2,4-pentane diol, pH 7.5, VAPOR DIFFUSION, SITTING DROP, temperature 298K, pH 7.50
;
_exptl_crystal_grow.pdbx_pH_range   . 
# 
loop_
_exptl_crystal_grow_comp.crystal_id 
_exptl_crystal_grow_comp.id 
_exptl_crystal_grow_comp.sol_id 
_exptl_crystal_grow_comp.name 
_exptl_crystal_grow_comp.volume 
_exptl_crystal_grow_comp.conc 
_exptl_crystal_grow_comp.details 
1 1 1 Tris-HCL                    ? ? ? 
1 2 1 'calcium acetate'           ? ? ? 
1 3 1 '2-methyl-2,4-pentane diol' ? ? ? 
1 4 1 H2O                         ? ? ? 
1 5 2 'calcium acetate'           ? ? ? 
1 6 2 Tris-HCL                    ? ? ? 
1 7 2 '2-methyl-2,4-pentane diol' ? ? ? 
1 8 2 H2O                         ? ? ? 
# 
_diffrn.id                     1 
_diffrn.ambient_temp           103.0 
_diffrn.ambient_temp_details   ? 
_diffrn.crystal_id             1 
# 
_diffrn_detector.diffrn_id              1 
_diffrn_detector.detector               'IMAGE PLATE' 
_diffrn_detector.type                   'RIGAKU RAXIS IV' 
_diffrn_detector.pdbx_collection_date   2002-12-19 
_diffrn_detector.details                ? 
# 
_diffrn_radiation.diffrn_id                        1 
_diffrn_radiation.wavelength_id                    1 
_diffrn_radiation.pdbx_monochromatic_or_laue_m_l   M 
_diffrn_radiation.monochromator                    'NI FILTER' 
_diffrn_radiation.pdbx_diffrn_protocol             'SINGLE WAVELENGTH' 
_diffrn_radiation.pdbx_scattering_type             x-ray 
# 
_diffrn_radiation_wavelength.id           1 
_diffrn_radiation_wavelength.wavelength   1.542 
_diffrn_radiation_wavelength.wt           1.0 
# 
_diffrn_source.diffrn_id                   1 
_diffrn_source.source                      'ROTATING ANODE' 
_diffrn_source.type                        'RIGAKU RU300' 
_diffrn_source.pdbx_synchrotron_site       ? 
_diffrn_source.pdbx_synchrotron_beamline   ? 
_diffrn_source.pdbx_wavelength             1.542 
_diffrn_source.pdbx_wavelength_list        ? 
# 
_reflns.entry_id                     1P54 
_reflns.observed_criterion_sigma_I   0.000 
_reflns.observed_criterion_sigma_F   ? 
_reflns.d_resolution_low             19.180 
_reflns.d_resolution_high            1.800 
_reflns.number_obs                   4177 
_reflns.number_all                   ? 
_reflns.percent_possible_obs         82.0 
_reflns.pdbx_Rmerge_I_obs            0.041 
_reflns.pdbx_Rsym_value              ? 
_reflns.pdbx_netI_over_sigmaI        4.05 
_reflns.B_iso_Wilson_estimate        4.3 
_reflns.pdbx_redundancy              ? 
_reflns.R_free_details               ? 
_reflns.pdbx_diffrn_id               1 
_reflns.pdbx_ordinal                 1 
# 
_reflns_shell.d_res_high             1.80 
_reflns_shell.d_res_low              1.86 
_reflns_shell.percent_possible_all   34.9 
_reflns_shell.Rmerge_I_obs           0.189 
_reflns_shell.pdbx_Rsym_value        ? 
_reflns_shell.meanI_over_sigI_obs    ? 
_reflns_shell.pdbx_redundancy        ? 
_reflns_shell.percent_possible_obs   ? 
_reflns_shell.number_unique_all      ? 
_reflns_shell.pdbx_diffrn_id         ? 
_reflns_shell.pdbx_ordinal           1 
# 
_refine.entry_id                                 1P54 
_refine.ls_number_reflns_obs                     3745 
_refine.ls_number_reflns_all                     4011 
_refine.pdbx_ls_sigma_I                          ? 
_refine.pdbx_ls_sigma_F                          0.000 
_refine.pdbx_data_cutoff_high_absF               ? 
_refine.pdbx_data_cutoff_low_absF                ? 
_refine.pdbx_data_cutoff_high_rms_absF           ? 
_refine.ls_d_res_low                             19.18 
_refine.ls_d_res_high                            1.90 
_refine.ls_percent_reflns_obs                    86.7 
_refine.ls_R_factor_obs                          0.215 
_refine.ls_R_factor_all                          ? 
_refine.ls_R_factor_R_work                       0.215 
_refine.ls_R_factor_R_free                       0.242 
_refine.ls_R_factor_R_free_error                 0.012 
_refine.ls_R_factor_R_free_error_details         ? 
_refine.ls_percent_reflns_R_free                 10.4 
_refine.ls_number_reflns_R_free                  388 
_refine.ls_number_parameters                     ? 
_refine.ls_number_restraints                     ? 
_refine.occupancy_min                            ? 
_refine.occupancy_max                            ? 
_refine.correlation_coeff_Fo_to_Fc               ? 
_refine.correlation_coeff_Fo_to_Fc_free          ? 
_refine.B_iso_mean                               9.50 
_refine.aniso_B[1][1]                            ? 
_refine.aniso_B[2][2]                            ? 
_refine.aniso_B[3][3]                            ? 
_refine.aniso_B[1][2]                            ? 
_refine.aniso_B[1][3]                            ? 
_refine.aniso_B[2][3]                            ? 
_refine.solvent_model_details                    ? 
_refine.solvent_model_param_ksol                 ? 
_refine.solvent_model_param_bsol                 ? 
_refine.pdbx_solvent_vdw_probe_radii             ? 
_refine.pdbx_solvent_ion_probe_radii             ? 
_refine.pdbx_solvent_shrinkage_radii             ? 
_refine.pdbx_ls_cross_valid_method               THROUGHOUT 
_refine.details                                  ? 
_refine.pdbx_starting_model                      '1L6B USED FOR INITIAL SOLUTION VIA MOLECULAR REPLACEMENT' 
_refine.pdbx_method_to_determine_struct          'MOLECULAR REPLACEMENT' 
_refine.pdbx_isotropic_thermal_model             RESTRAINED 
_refine.pdbx_stereochemistry_target_values       ? 
_refine.pdbx_stereochem_target_val_spec_case     ? 
_refine.pdbx_R_Free_selection_details            RANDOM 
_refine.pdbx_overall_ESU_R                       ? 
_refine.pdbx_overall_ESU_R_Free                  ? 
_refine.overall_SU_ML                            ? 
_refine.overall_SU_B                             ? 
_refine.ls_redundancy_reflns_obs                 ? 
_refine.overall_SU_R_Cruickshank_DPI             ? 
_refine.overall_SU_R_free                        ? 
_refine.pdbx_refine_id                           'X-RAY DIFFRACTION' 
_refine.pdbx_diffrn_id                           1 
_refine.pdbx_TLS_residual_ADP_flag               ? 
_refine.pdbx_overall_phase_error                 ? 
_refine.pdbx_overall_SU_R_free_Cruickshank_DPI   ? 
_refine.pdbx_overall_SU_R_Blow_DPI               ? 
_refine.pdbx_overall_SU_R_free_Blow_DPI          ? 
# 
_refine_analyze.entry_id                        1P54 
_refine_analyze.Luzzati_coordinate_error_obs    0.22 
_refine_analyze.Luzzati_sigma_a_obs             0.14 
_refine_analyze.Luzzati_d_res_low_obs           5.00 
_refine_analyze.Luzzati_coordinate_error_free   0.26 
_refine_analyze.Luzzati_sigma_a_free            0.18 
_refine_analyze.Luzzati_d_res_low_free          ? 
_refine_analyze.number_disordered_residues      ? 
_refine_analyze.occupancy_sum_hydrogen          ? 
_refine_analyze.occupancy_sum_non_hydrogen      ? 
_refine_analyze.pdbx_refine_id                  'X-RAY DIFFRACTION' 
# 
_refine_hist.pdbx_refine_id                   'X-RAY DIFFRACTION' 
_refine_hist.cycle_id                         LAST 
_refine_hist.pdbx_number_atoms_protein        0 
_refine_hist.pdbx_number_atoms_nucleic_acid   404 
_refine_hist.pdbx_number_atoms_ligand         2 
_refine_hist.number_atoms_solvent             87 
_refine_hist.number_atoms_total               493 
_refine_hist.d_res_high                       1.90 
_refine_hist.d_res_low                        19.18 
# 
loop_
_refine_ls_restr.type 
_refine_ls_restr.dev_ideal 
_refine_ls_restr.dev_ideal_target 
_refine_ls_restr.weight 
_refine_ls_restr.number 
_refine_ls_restr.pdbx_refine_id 
_refine_ls_restr.pdbx_restraint_function 
c_bond_d                0.005 ? ? ? 'X-RAY DIFFRACTION' ? 
c_bond_d_na             ?     ? ? ? 'X-RAY DIFFRACTION' ? 
c_bond_d_prot           ?     ? ? ? 'X-RAY DIFFRACTION' ? 
c_angle_d               ?     ? ? ? 'X-RAY DIFFRACTION' ? 
c_angle_d_na            ?     ? ? ? 'X-RAY DIFFRACTION' ? 
c_angle_d_prot          ?     ? ? ? 'X-RAY DIFFRACTION' ? 
c_angle_deg             0.9   ? ? ? 'X-RAY DIFFRACTION' ? 
c_angle_deg_na          ?     ? ? ? 'X-RAY DIFFRACTION' ? 
c_angle_deg_prot        ?     ? ? ? 'X-RAY DIFFRACTION' ? 
c_dihedral_angle_d      18.30 ? ? ? 'X-RAY DIFFRACTION' ? 
c_dihedral_angle_d_na   ?     ? ? ? 'X-RAY DIFFRACTION' ? 
c_dihedral_angle_d_prot ?     ? ? ? 'X-RAY DIFFRACTION' ? 
c_improper_angle_d      1.37  ? ? ? 'X-RAY DIFFRACTION' ? 
c_improper_angle_d_na   ?     ? ? ? 'X-RAY DIFFRACTION' ? 
c_improper_angle_d_prot ?     ? ? ? 'X-RAY DIFFRACTION' ? 
c_mcbond_it             ?     ? ? ? 'X-RAY DIFFRACTION' ? 
c_mcangle_it            ?     ? ? ? 'X-RAY DIFFRACTION' ? 
c_scbond_it             ?     ? ? ? 'X-RAY DIFFRACTION' ? 
c_scangle_it            ?     ? ? ? 'X-RAY DIFFRACTION' ? 
# 
_refine_ls_shell.pdbx_total_number_of_bins_used   6 
_refine_ls_shell.d_res_high                       1.90 
_refine_ls_shell.d_res_low                        2.02 
_refine_ls_shell.number_reflns_R_work             385 
_refine_ls_shell.R_factor_R_work                  0.259 
_refine_ls_shell.percent_reflns_obs               60.10 
_refine_ls_shell.R_factor_R_free                  0.248 
_refine_ls_shell.R_factor_R_free_error            0.041 
_refine_ls_shell.percent_reflns_R_free            8.8 
_refine_ls_shell.number_reflns_R_free             37 
_refine_ls_shell.redundancy_reflns_obs            ? 
_refine_ls_shell.pdbx_refine_id                   'X-RAY DIFFRACTION' 
_refine_ls_shell.number_reflns_all                ? 
_refine_ls_shell.R_factor_all                     ? 
# 
_struct.entry_id                  1P54 
_struct.title                     'Effect of Sequence on the Conformational Geometry of DNA Holliday Junctions' 
_struct.pdbx_model_details        ? 
_struct.pdbx_CASP_flag            ? 
_struct.pdbx_model_type_details   ? 
# 
_struct_keywords.entry_id        1P54 
_struct_keywords.pdbx_keywords   DNA 
_struct_keywords.text            'DNA Holliday Junction, Four-Way Junction, stacked-X junction, brominated uracil, DNA' 
# 
loop_
_struct_asym.id 
_struct_asym.pdbx_blank_PDB_chainid_flag 
_struct_asym.pdbx_modified 
_struct_asym.entity_id 
_struct_asym.details 
A N N 1 ? 
B N N 1 ? 
C N N 2 ? 
D N N 3 ? 
E N N 4 ? 
F N N 4 ? 
# 
_struct_biol.id                    1 
_struct_biol.details               
;This entry contains the crystallographic asymmetric unit which consists of two chains A and B.  The full four stranded Holliday junction structure can be generated by the following: 
 
matrix = 
(-1.00000 0.00001 0.00000) 
(0.00001 1.00000 -0.00002) 
(0.00000 -0.00002 -1.00000) 
 
translation = 
(0.00022 0.00018 -0.00034)
;
_struct_biol.pdbx_parent_biol_id   ? 
# 
loop_
_struct_conn.id 
_struct_conn.conn_type_id 
_struct_conn.pdbx_leaving_atom_flag 
_struct_conn.pdbx_PDB_id 
_struct_conn.ptnr1_label_asym_id 
_struct_conn.ptnr1_label_comp_id 
_struct_conn.ptnr1_label_seq_id 
_struct_conn.ptnr1_label_atom_id 
_struct_conn.pdbx_ptnr1_label_alt_id 
_struct_conn.pdbx_ptnr1_PDB_ins_code 
_struct_conn.pdbx_ptnr1_standard_comp_id 
_struct_conn.ptnr1_symmetry 
_struct_conn.ptnr2_label_asym_id 
_struct_conn.ptnr2_label_comp_id 
_struct_conn.ptnr2_label_seq_id 
_struct_conn.ptnr2_label_atom_id 
_struct_conn.pdbx_ptnr2_label_alt_id 
_struct_conn.pdbx_ptnr2_PDB_ins_code 
_struct_conn.ptnr1_auth_asym_id 
_struct_conn.ptnr1_auth_comp_id 
_struct_conn.ptnr1_auth_seq_id 
_struct_conn.ptnr2_auth_asym_id 
_struct_conn.ptnr2_auth_comp_id 
_struct_conn.ptnr2_auth_seq_id 
_struct_conn.ptnr2_symmetry 
_struct_conn.pdbx_ptnr3_label_atom_id 
_struct_conn.pdbx_ptnr3_label_seq_id 
_struct_conn.pdbx_ptnr3_label_comp_id 
_struct_conn.pdbx_ptnr3_label_asym_id 
_struct_conn.pdbx_ptnr3_label_alt_id 
_struct_conn.pdbx_ptnr3_PDB_ins_code 
_struct_conn.details 
_struct_conn.pdbx_dist_value 
_struct_conn.pdbx_value_order 
_struct_conn.pdbx_role 
covale1  covale both ? A DC  7 "O3'" ? ? ? 1_555 A BRU 8  P  ? ? A DC  7  A BRU 8  1_555 ? ? ? ? ? ? ?            1.613 ? ? 
covale2  covale both ? A BRU 8 "O3'" ? ? ? 1_555 A DG  9  P  ? ? A BRU 8  A DG  9  1_555 ? ? ? ? ? ? ?            1.609 ? ? 
covale3  covale both ? B DC  7 "O3'" ? ? ? 1_555 B BRU 8  P  ? ? B DC  17 B BRU 18 1_555 ? ? ? ? ? ? ?            1.609 ? ? 
covale4  covale both ? B BRU 8 "O3'" ? ? ? 1_555 B DG  9  P  ? ? B BRU 18 B DG  19 1_555 ? ? ? ? ? ? ?            1.612 ? ? 
metalc1  metalc ?    ? A DA  6 OP2   ? ? ? 1_555 C NA  .  NA ? ? A DA  6  A NA  37 1_555 ? ? ? ? ? ? ?            2.777 ? ? 
metalc2  metalc ?    ? E HOH . O     ? ? ? 1_555 D CA  .  CA ? ? A HOH 27 A CA  67 1_555 ? ? ? ? ? ? ?            2.303 ? ? 
metalc3  metalc ?    ? D CA  . CA    ? ? ? 1_555 E HOH .  O  ? ? A CA  67 A HOH 80 1_555 ? ? ? ? ? ? ?            2.278 ? ? 
metalc4  metalc ?    ? D CA  . CA    ? ? ? 1_555 E HOH .  O  ? ? A CA  67 A HOH 81 1_555 ? ? ? ? ? ? ?            2.242 ? ? 
metalc5  metalc ?    ? D CA  . CA    ? ? ? 1_555 E HOH .  O  ? ? A CA  67 A HOH 82 1_555 ? ? ? ? ? ? ?            2.948 ? ? 
metalc6  metalc ?    ? D CA  . CA    ? ? ? 1_555 F HOH .  O  ? ? A CA  67 B HOH 69 2_555 ? ? ? ? ? ? ?            3.119 ? ? 
metalc7  metalc ?    ? D CA  . CA    ? ? ? 1_555 F HOH .  O  ? ? A CA  67 B HOH 75 2_555 ? ? ? ? ? ? ?            3.011 ? ? 
metalc8  metalc ?    ? D CA  . CA    ? ? ? 1_555 F HOH .  O  ? ? A CA  67 B HOH 93 2_555 ? ? ? ? ? ? ?            3.261 ? ? 
hydrog1  hydrog ?    ? A DC  1 N3    ? ? ? 1_555 B DG  10 N1 ? ? A DC  1  B DG  20 1_555 ? ? ? ? ? ? WATSON-CRICK ?     ? ? 
hydrog2  hydrog ?    ? A DC  1 N4    ? ? ? 1_555 B DG  10 O6 ? ? A DC  1  B DG  20 1_555 ? ? ? ? ? ? WATSON-CRICK ?     ? ? 
hydrog3  hydrog ?    ? A DC  1 O2    ? ? ? 1_555 B DG  10 N2 ? ? A DC  1  B DG  20 1_555 ? ? ? ? ? ? WATSON-CRICK ?     ? ? 
hydrog4  hydrog ?    ? A DC  2 N3    ? ? ? 1_555 B DG  9  N1 ? ? A DC  2  B DG  19 1_555 ? ? ? ? ? ? WATSON-CRICK ?     ? ? 
hydrog5  hydrog ?    ? A DC  2 N4    ? ? ? 1_555 B DG  9  O6 ? ? A DC  2  B DG  19 1_555 ? ? ? ? ? ? WATSON-CRICK ?     ? ? 
hydrog6  hydrog ?    ? A DC  2 O2    ? ? ? 1_555 B DG  9  N2 ? ? A DC  2  B DG  19 1_555 ? ? ? ? ? ? WATSON-CRICK ?     ? ? 
hydrog7  hydrog ?    ? A DA  3 N1    ? ? ? 1_555 B BRU 8  N3 ? ? A DA  3  B BRU 18 1_555 ? ? ? ? ? ? WATSON-CRICK ?     ? ? 
hydrog8  hydrog ?    ? A DA  3 N6    ? ? ? 1_555 B BRU 8  O4 ? ? A DA  3  B BRU 18 1_555 ? ? ? ? ? ? WATSON-CRICK ?     ? ? 
hydrog9  hydrog ?    ? A DG  4 N1    ? ? ? 1_555 B DC  7  N3 ? ? A DG  4  B DC  17 1_555 ? ? ? ? ? ? WATSON-CRICK ?     ? ? 
hydrog10 hydrog ?    ? A DG  4 N2    ? ? ? 1_555 B DC  7  O2 ? ? A DG  4  B DC  17 1_555 ? ? ? ? ? ? WATSON-CRICK ?     ? ? 
hydrog11 hydrog ?    ? A DG  4 O6    ? ? ? 1_555 B DC  7  N4 ? ? A DG  4  B DC  17 1_555 ? ? ? ? ? ? WATSON-CRICK ?     ? ? 
hydrog12 hydrog ?    ? A DT  5 N3    ? ? ? 1_555 B DA  6  N1 ? ? A DT  5  B DA  16 1_555 ? ? ? ? ? ? WATSON-CRICK ?     ? ? 
hydrog13 hydrog ?    ? A DT  5 O4    ? ? ? 1_555 B DA  6  N6 ? ? A DT  5  B DA  16 1_555 ? ? ? ? ? ? WATSON-CRICK ?     ? ? 
hydrog14 hydrog ?    ? A DA  6 N1    ? ? ? 1_555 B DT  5  N3 ? ? A DA  6  B DT  15 1_555 ? ? ? ? ? ? WATSON-CRICK ?     ? ? 
hydrog15 hydrog ?    ? A DA  6 N6    ? ? ? 1_555 B DT  5  O4 ? ? A DA  6  B DT  15 1_555 ? ? ? ? ? ? WATSON-CRICK ?     ? ? 
# 
loop_
_struct_conn_type.id 
_struct_conn_type.criteria 
_struct_conn_type.reference 
covale ? ? 
metalc ? ? 
hydrog ? ? 
# 
loop_
_struct_site.id 
_struct_site.pdbx_evidence_code 
_struct_site.pdbx_auth_asym_id 
_struct_site.pdbx_auth_comp_id 
_struct_site.pdbx_auth_seq_id 
_struct_site.pdbx_auth_ins_code 
_struct_site.pdbx_num_residues 
_struct_site.details 
AC1 Software A NA 37 ? 2 'BINDING SITE FOR RESIDUE NA A 37' 
AC2 Software A CA 67 ? 5 'BINDING SITE FOR RESIDUE CA A 67' 
# 
loop_
_struct_site_gen.id 
_struct_site_gen.site_id 
_struct_site_gen.pdbx_num_res 
_struct_site_gen.label_comp_id 
_struct_site_gen.label_asym_id 
_struct_site_gen.label_seq_id 
_struct_site_gen.pdbx_auth_ins_code 
_struct_site_gen.auth_comp_id 
_struct_site_gen.auth_asym_id 
_struct_site_gen.auth_seq_id 
_struct_site_gen.label_atom_id 
_struct_site_gen.label_alt_id 
_struct_site_gen.symmetry 
_struct_site_gen.details 
1 AC1 2 DA  A 6 ? DA  A 6  . ? 1_555 ? 
2 AC1 2 DA  A 6 ? DA  A 6  . ? 2_555 ? 
3 AC2 5 HOH E . ? HOH A 27 . ? 1_555 ? 
4 AC2 5 HOH E . ? HOH A 80 . ? 1_555 ? 
5 AC2 5 HOH E . ? HOH A 81 . ? 1_555 ? 
6 AC2 5 HOH E . ? HOH A 82 . ? 1_555 ? 
7 AC2 5 HOH F . ? HOH B 75 . ? 2_555 ? 
# 
_atom_sites.entry_id                    1P54 
_atom_sites.fract_transf_matrix[1][1]   -0.01233016 
_atom_sites.fract_transf_matrix[1][2]   -0.00915040 
_atom_sites.fract_transf_matrix[1][3]   0.00487026 
_atom_sites.fract_transf_matrix[2][1]   0.02129003 
_atom_sites.fract_transf_matrix[2][2]   -0.00851884 
_atom_sites.fract_transf_matrix[2][3]   0.03789504 
_atom_sites.fract_transf_matrix[3][1]   -0.01729990 
_atom_sites.fract_transf_matrix[3][2]   0.01652230 
_atom_sites.fract_transf_matrix[3][3]   0.01343358 
_atom_sites.fract_transf_vector[1]      -0.052668 
_atom_sites.fract_transf_vector[2]      -0.157522 
_atom_sites.fract_transf_vector[3]      0.141750 
# 
loop_
_atom_type.symbol 
BR 
C  
CA 
N  
NA 
O  
P  
# 
loop_
_atom_site.group_PDB 
_atom_site.id 
_atom_site.type_symbol 
_atom_site.label_atom_id 
_atom_site.label_alt_id 
_atom_site.label_comp_id 
_atom_site.label_asym_id 
_atom_site.label_entity_id 
_atom_site.label_seq_id 
_atom_site.pdbx_PDB_ins_code 
_atom_site.Cartn_x 
_atom_site.Cartn_y 
_atom_site.Cartn_z 
_atom_site.occupancy 
_atom_site.B_iso_or_equiv 
_atom_site.pdbx_formal_charge 
_atom_site.auth_seq_id 
_atom_site.auth_comp_id 
_atom_site.auth_asym_id 
_atom_site.auth_atom_id 
_atom_site.pdbx_PDB_model_num 
ATOM   1   O  "O5'" . DC  A 1 1  ? -0.473  16.144  1.524   1.00 9.70  ? 1   DC  A "O5'" 1 
ATOM   2   C  "C5'" . DC  A 1 1  ? -1.390  15.386  0.720   1.00 8.21  ? 1   DC  A "C5'" 1 
ATOM   3   C  "C4'" . DC  A 1 1  ? -1.563  16.054  -0.625  1.00 7.70  ? 1   DC  A "C4'" 1 
ATOM   4   O  "O4'" . DC  A 1 1  ? -0.257  16.305  -1.186  1.00 7.65  ? 1   DC  A "O4'" 1 
ATOM   5   C  "C3'" . DC  A 1 1  ? -2.305  15.230  -1.671  1.00 8.07  ? 1   DC  A "C3'" 1 
ATOM   6   O  "O3'" . DC  A 1 1  ? -3.011  16.107  -2.560  1.00 10.15 ? 1   DC  A "O3'" 1 
ATOM   7   C  "C2'" . DC  A 1 1  ? -1.183  14.486  -2.376  1.00 5.93  ? 1   DC  A "C2'" 1 
ATOM   8   C  "C1'" . DC  A 1 1  ? -0.017  15.473  -2.310  1.00 5.14  ? 1   DC  A "C1'" 1 
ATOM   9   N  N1    . DC  A 1 1  ? 1.311   14.867  -2.112  1.00 2.78  ? 1   DC  A N1    1 
ATOM   10  C  C2    . DC  A 1 1  ? 1.875   14.103  -3.133  1.00 3.88  ? 1   DC  A C2    1 
ATOM   11  O  O2    . DC  A 1 1  ? 1.250   13.964  -4.189  1.00 2.47  ? 1   DC  A O2    1 
ATOM   12  N  N3    . DC  A 1 1  ? 3.093   13.541  -2.943  1.00 2.91  ? 1   DC  A N3    1 
ATOM   13  C  C4    . DC  A 1 1  ? 3.745   13.734  -1.799  1.00 3.73  ? 1   DC  A C4    1 
ATOM   14  N  N4    . DC  A 1 1  ? 4.948   13.184  -1.663  1.00 2.27  ? 1   DC  A N4    1 
ATOM   15  C  C5    . DC  A 1 1  ? 3.195   14.515  -0.742  1.00 3.84  ? 1   DC  A C5    1 
ATOM   16  C  C6    . DC  A 1 1  ? 1.988   15.056  -0.939  1.00 2.23  ? 1   DC  A C6    1 
ATOM   17  P  P     . DC  A 1 2  ? -4.604  15.956  -2.732  1.00 11.03 ? 2   DC  A P     1 
ATOM   18  O  OP1   . DC  A 1 2  ? -5.034  16.846  -3.841  1.00 9.73  ? 2   DC  A OP1   1 
ATOM   19  O  OP2   . DC  A 1 2  ? -5.229  16.111  -1.401  1.00 12.18 ? 2   DC  A OP2   1 
ATOM   20  O  "O5'" . DC  A 1 2  ? -4.791  14.439  -3.196  1.00 10.96 ? 2   DC  A "O5'" 1 
ATOM   21  C  "C5'" . DC  A 1 2  ? -4.591  14.053  -4.559  1.00 8.11  ? 2   DC  A "C5'" 1 
ATOM   22  C  "C4'" . DC  A 1 2  ? -4.435  12.551  -4.675  1.00 8.31  ? 2   DC  A "C4'" 1 
ATOM   23  O  "O4'" . DC  A 1 2  ? -3.180  12.099  -4.095  1.00 8.14  ? 2   DC  A "O4'" 1 
ATOM   24  C  "C3'" . DC  A 1 2  ? -5.531  11.706  -4.016  1.00 5.83  ? 2   DC  A "C3'" 1 
ATOM   25  O  "O3'" . DC  A 1 2  ? -5.721  10.533  -4.796  1.00 10.74 ? 2   DC  A "O3'" 1 
ATOM   26  C  "C2'" . DC  A 1 2  ? -4.877  11.269  -2.721  1.00 6.02  ? 2   DC  A "C2'" 1 
ATOM   27  C  "C1'" . DC  A 1 2  ? -3.454  11.032  -3.192  1.00 5.01  ? 2   DC  A "C1'" 1 
ATOM   28  N  N1    . DC  A 1 2  ? -2.439  11.057  -2.135  1.00 5.68  ? 2   DC  A N1    1 
ATOM   29  C  C2    . DC  A 1 2  ? -1.163  10.557  -2.415  1.00 5.93  ? 2   DC  A C2    1 
ATOM   30  O  O2    . DC  A 1 2  ? -0.942  10.056  -3.525  1.00 7.08  ? 2   DC  A O2    1 
ATOM   31  N  N3    . DC  A 1 2  ? -0.208  10.619  -1.467  1.00 7.50  ? 2   DC  A N3    1 
ATOM   32  C  C4    . DC  A 1 2  ? -0.490  11.120  -0.264  1.00 4.94  ? 2   DC  A C4    1 
ATOM   33  N  N4    . DC  A 1 2  ? 0.488   11.140  0.647   1.00 3.08  ? 2   DC  A N4    1 
ATOM   34  C  C5    . DC  A 1 2  ? -1.790  11.615  0.060   1.00 5.77  ? 2   DC  A C5    1 
ATOM   35  C  C6    . DC  A 1 2  ? -2.725  11.567  -0.896  1.00 4.84  ? 2   DC  A C6    1 
ATOM   36  P  P     . DA  A 1 3  ? -7.184  10.132  -5.303  1.00 8.20  ? 3   DA  A P     1 
ATOM   37  O  OP1   . DA  A 1 3  ? -7.802  11.339  -5.897  1.00 6.58  ? 3   DA  A OP1   1 
ATOM   38  O  OP2   . DA  A 1 3  ? -7.864  9.428   -4.192  1.00 11.41 ? 3   DA  A OP2   1 
ATOM   39  O  "O5'" . DA  A 1 3  ? -6.870  9.092   -6.457  1.00 10.42 ? 3   DA  A "O5'" 1 
ATOM   40  C  "C5'" . DA  A 1 3  ? -6.012  9.439   -7.542  1.00 7.91  ? 3   DA  A "C5'" 1 
ATOM   41  C  "C4'" . DA  A 1 3  ? -5.020  8.327   -7.782  1.00 9.92  ? 3   DA  A "C4'" 1 
ATOM   42  O  "O4'" . DA  A 1 3  ? -4.137  8.220   -6.638  1.00 10.13 ? 3   DA  A "O4'" 1 
ATOM   43  C  "C3'" . DA  A 1 3  ? -5.663  6.955   -7.944  1.00 9.81  ? 3   DA  A "C3'" 1 
ATOM   44  O  "O3'" . DA  A 1 3  ? -4.937  6.209   -8.921  1.00 14.46 ? 3   DA  A "O3'" 1 
ATOM   45  C  "C2'" . DA  A 1 3  ? -5.554  6.350   -6.554  1.00 8.07  ? 3   DA  A "C2'" 1 
ATOM   46  C  "C1'" . DA  A 1 3  ? -4.268  6.946   -6.018  1.00 8.43  ? 3   DA  A "C1'" 1 
ATOM   47  N  N9    . DA  A 1 3  ? -4.254  7.155   -4.569  1.00 3.78  ? 3   DA  A N9    1 
ATOM   48  C  C8    . DA  A 1 3  ? -5.322  7.429   -3.750  1.00 2.94  ? 3   DA  A C8    1 
ATOM   49  N  N7    . DA  A 1 3  ? -4.998  7.592   -2.490  1.00 3.56  ? 3   DA  A N7    1 
ATOM   50  C  C5    . DA  A 1 3  ? -3.620  7.403   -2.473  1.00 2.60  ? 3   DA  A C5    1 
ATOM   51  C  C6    . DA  A 1 3  ? -2.669  7.440   -1.431  1.00 2.61  ? 3   DA  A C6    1 
ATOM   52  N  N6    . DA  A 1 3  ? -2.968  7.715   -0.160  1.00 1.52  ? 3   DA  A N6    1 
ATOM   53  N  N1    . DA  A 1 3  ? -1.380  7.188   -1.745  1.00 1.26  ? 3   DA  A N1    1 
ATOM   54  C  C2    . DA  A 1 3  ? -1.074  6.931   -3.025  1.00 6.08  ? 3   DA  A C2    1 
ATOM   55  N  N3    . DA  A 1 3  ? -1.876  6.878   -4.097  1.00 6.16  ? 3   DA  A N3    1 
ATOM   56  C  C4    . DA  A 1 3  ? -3.152  7.126   -3.748  1.00 4.73  ? 3   DA  A C4    1 
ATOM   57  P  P     . DG  A 1 4  ? -5.305  4.667   -9.193  1.00 12.96 ? 4   DG  A P     1 
ATOM   58  O  OP1   . DG  A 1 4  ? -5.196  4.433   -10.646 1.00 16.67 ? 4   DG  A OP1   1 
ATOM   59  O  OP2   . DG  A 1 4  ? -6.574  4.342   -8.496  1.00 16.16 ? 4   DG  A OP2   1 
ATOM   60  O  "O5'" . DG  A 1 4  ? -4.127  3.881   -8.469  1.00 15.25 ? 4   DG  A "O5'" 1 
ATOM   61  C  "C5'" . DG  A 1 4  ? -2.772  4.202   -8.751  1.00 15.41 ? 4   DG  A "C5'" 1 
ATOM   62  C  "C4'" . DG  A 1 4  ? -1.848  3.421   -7.849  1.00 14.74 ? 4   DG  A "C4'" 1 
ATOM   63  O  "O4'" . DG  A 1 4  ? -1.928  3.940   -6.494  1.00 13.25 ? 4   DG  A "O4'" 1 
ATOM   64  C  "C3'" . DG  A 1 4  ? -2.142  1.920   -7.764  1.00 12.04 ? 4   DG  A "C3'" 1 
ATOM   65  O  "O3'" . DG  A 1 4  ? -0.935  1.174   -7.968  1.00 16.78 ? 4   DG  A "O3'" 1 
ATOM   66  C  "C2'" . DG  A 1 4  ? -2.677  1.740   -6.353  1.00 12.02 ? 4   DG  A "C2'" 1 
ATOM   67  C  "C1'" . DG  A 1 4  ? -1.980  2.857   -5.592  1.00 13.20 ? 4   DG  A "C1'" 1 
ATOM   68  N  N9    . DG  A 1 4  ? -2.665  3.302   -4.384  1.00 11.07 ? 4   DG  A N9    1 
ATOM   69  C  C8    . DG  A 1 4  ? -4.014  3.487   -4.218  1.00 14.04 ? 4   DG  A C8    1 
ATOM   70  N  N7    . DG  A 1 4  ? -4.340  3.846   -3.007  1.00 13.02 ? 4   DG  A N7    1 
ATOM   71  C  C5    . DG  A 1 4  ? -3.130  3.919   -2.333  1.00 12.93 ? 4   DG  A C5    1 
ATOM   72  C  C6    . DG  A 1 4  ? -2.848  4.267   -0.984  1.00 11.65 ? 4   DG  A C6    1 
ATOM   73  O  O6    . DG  A 1 4  ? -3.633  4.608   -0.098  1.00 13.44 ? 4   DG  A O6    1 
ATOM   74  N  N1    . DG  A 1 4  ? -1.488  4.206   -0.712  1.00 11.51 ? 4   DG  A N1    1 
ATOM   75  C  C2    . DG  A 1 4  ? -0.516  3.872   -1.621  1.00 11.96 ? 4   DG  A C2    1 
ATOM   76  N  N2    . DG  A 1 4  ? 0.743   3.869   -1.153  1.00 9.59  ? 4   DG  A N2    1 
ATOM   77  N  N3    . DG  A 1 4  ? -0.760  3.562   -2.890  1.00 10.35 ? 4   DG  A N3    1 
ATOM   78  C  C4    . DG  A 1 4  ? -2.083  3.598   -3.171  1.00 12.78 ? 4   DG  A C4    1 
ATOM   79  P  P     . DT  A 1 5  ? -0.993  -0.434  -8.140  1.00 13.10 ? 5   DT  A P     1 
ATOM   80  O  OP1   . DT  A 1 5  ? 0.195   -0.850  -8.925  1.00 13.28 ? 5   DT  A OP1   1 
ATOM   81  O  OP2   . DT  A 1 5  ? -2.350  -0.845  -8.577  1.00 15.01 ? 5   DT  A OP2   1 
ATOM   82  O  "O5'" . DT  A 1 5  ? -0.755  -0.942  -6.655  1.00 15.00 ? 5   DT  A "O5'" 1 
ATOM   83  C  "C5'" . DT  A 1 5  ? 0.452   -0.600  -5.977  1.00 10.74 ? 5   DT  A "C5'" 1 
ATOM   84  C  "C4'" . DT  A 1 5  ? 0.411   -1.112  -4.558  1.00 11.94 ? 5   DT  A "C4'" 1 
ATOM   85  O  "O4'" . DT  A 1 5  ? -0.409  -0.259  -3.725  1.00 4.55  ? 5   DT  A "O4'" 1 
ATOM   86  C  "C3'" . DT  A 1 5  ? -0.168  -2.523  -4.425  1.00 9.36  ? 5   DT  A "C3'" 1 
ATOM   87  O  "O3'" . DT  A 1 5  ? 0.561   -3.225  -3.429  1.00 8.01  ? 5   DT  A "O3'" 1 
ATOM   88  C  "C2'" . DT  A 1 5  ? -1.563  -2.270  -3.885  1.00 9.81  ? 5   DT  A "C2'" 1 
ATOM   89  C  "C1'" . DT  A 1 5  ? -1.268  -1.092  -2.978  1.00 11.47 ? 5   DT  A "C1'" 1 
ATOM   90  N  N1    . DT  A 1 5  ? -2.432  -0.312  -2.555  1.00 9.51  ? 5   DT  A N1    1 
ATOM   91  C  C2    . DT  A 1 5  ? -2.392  0.243   -1.303  1.00 10.73 ? 5   DT  A C2    1 
ATOM   92  O  O2    . DT  A 1 5  ? -1.409  0.171   -0.580  1.00 10.97 ? 5   DT  A O2    1 
ATOM   93  N  N3    . DT  A 1 5  ? -3.543  0.890   -0.930  1.00 10.63 ? 5   DT  A N3    1 
ATOM   94  C  C4    . DT  A 1 5  ? -4.692  1.038   -1.684  1.00 11.44 ? 5   DT  A C4    1 
ATOM   95  O  O4    . DT  A 1 5  ? -5.664  1.618   -1.206  1.00 16.67 ? 5   DT  A O4    1 
ATOM   96  C  C5    . DT  A 1 5  ? -4.639  0.462   -3.012  1.00 11.04 ? 5   DT  A C5    1 
ATOM   97  C  C7    . DT  A 1 5  ? -5.816  0.600   -3.924  1.00 11.21 ? 5   DT  A C7    1 
ATOM   98  C  C6    . DT  A 1 5  ? -3.524  -0.173  -3.372  1.00 10.82 ? 5   DT  A C6    1 
ATOM   99  P  P     . DA  A 1 6  ? 1.676   -4.284  -3.863  1.00 6.61  ? 6   DA  A P     1 
ATOM   100 O  OP1   . DA  A 1 6  ? 2.699   -3.504  -4.600  1.00 4.76  ? 6   DA  A OP1   1 
ATOM   101 O  OP2   . DA  A 1 6  ? 0.957   -5.375  -4.568  1.00 4.72  ? 6   DA  A OP2   1 
ATOM   102 O  "O5'" . DA  A 1 6  ? 2.261   -4.758  -2.453  1.00 2.02  ? 6   DA  A "O5'" 1 
ATOM   103 C  "C5'" . DA  A 1 6  ? 3.064   -3.873  -1.656  1.00 1.80  ? 6   DA  A "C5'" 1 
ATOM   104 C  "C4'" . DA  A 1 6  ? 2.771   -4.038  -0.178  1.00 3.35  ? 6   DA  A "C4'" 1 
ATOM   105 O  "O4'" . DA  A 1 6  ? 1.539   -3.380  0.196   1.00 1.95  ? 6   DA  A "O4'" 1 
ATOM   106 C  "C3'" . DA  A 1 6  ? 2.646   -5.481  0.321   1.00 1.66  ? 6   DA  A "C3'" 1 
ATOM   107 O  "O3'" . DA  A 1 6  ? 3.168   -5.572  1.648   1.00 1.00  ? 6   DA  A "O3'" 1 
ATOM   108 C  "C2'" . DA  A 1 6  ? 1.144   -5.683  0.377   1.00 1.00  ? 6   DA  A "C2'" 1 
ATOM   109 C  "C1'" . DA  A 1 6  ? 0.671   -4.312  0.833   1.00 2.51  ? 6   DA  A "C1'" 1 
ATOM   110 N  N9    . DA  A 1 6  ? -0.692  -3.980  0.438   1.00 1.00  ? 6   DA  A N9    1 
ATOM   111 C  C8    . DA  A 1 6  ? -1.391  -4.390  -0.674  1.00 1.00  ? 6   DA  A C8    1 
ATOM   112 N  N7    . DA  A 1 6  ? -2.594  -3.866  -0.768  1.00 2.90  ? 6   DA  A N7    1 
ATOM   113 C  C5    . DA  A 1 6  ? -2.695  -3.063  0.361   1.00 1.00  ? 6   DA  A C5    1 
ATOM   114 C  C6    . DA  A 1 6  ? -3.721  -2.216  0.843   1.00 1.96  ? 6   DA  A C6    1 
ATOM   115 N  N6    . DA  A 1 6  ? -4.876  -1.987  0.195   1.00 1.00  ? 6   DA  A N6    1 
ATOM   116 N  N1    . DA  A 1 6  ? -3.512  -1.595  2.018   1.00 1.00  ? 6   DA  A N1    1 
ATOM   117 C  C2    . DA  A 1 6  ? -2.339  -1.776  2.646   1.00 2.45  ? 6   DA  A C2    1 
ATOM   118 N  N3    . DA  A 1 6  ? -1.287  -2.512  2.281   1.00 1.00  ? 6   DA  A N3    1 
ATOM   119 C  C4    . DA  A 1 6  ? -1.534  -3.143  1.123   1.00 1.92  ? 6   DA  A C4    1 
ATOM   120 P  P     . DC  A 1 7  ? 4.720   -5.896  1.869   1.00 3.21  ? 7   DC  A P     1 
ATOM   121 O  OP1   . DC  A 1 7  ? 5.025   -5.907  3.327   1.00 3.02  ? 7   DC  A OP1   1 
ATOM   122 O  OP2   . DC  A 1 7  ? 5.514   -5.034  0.971   1.00 3.93  ? 7   DC  A OP2   1 
ATOM   123 O  "O5'" . DC  A 1 7  ? 4.859   -7.389  1.343   1.00 2.75  ? 7   DC  A "O5'" 1 
ATOM   124 C  "C5'" . DC  A 1 7  ? 4.211   -8.454  2.015   1.00 1.00  ? 7   DC  A "C5'" 1 
ATOM   125 C  "C4'" . DC  A 1 7  ? 4.901   -9.748  1.685   1.00 2.19  ? 7   DC  A "C4'" 1 
ATOM   126 O  "O4'" . DC  A 1 7  ? 4.621   -10.045 0.293   1.00 2.53  ? 7   DC  A "O4'" 1 
ATOM   127 C  "C3'" . DC  A 1 7  ? 6.423   -9.656  1.821   1.00 1.25  ? 7   DC  A "C3'" 1 
ATOM   128 O  "O3'" . DC  A 1 7  ? 6.955   -10.825 2.441   1.00 4.86  ? 7   DC  A "O3'" 1 
ATOM   129 C  "C2'" . DC  A 1 7  ? 6.914   -9.519  0.392   1.00 2.46  ? 7   DC  A "C2'" 1 
ATOM   130 C  "C1'" . DC  A 1 7  ? 5.822   -10.181 -0.441  1.00 1.41  ? 7   DC  A "C1'" 1 
ATOM   131 N  N1    . DC  A 1 7  ? 5.618   -9.558  -1.770  1.00 4.20  ? 7   DC  A N1    1 
ATOM   132 C  C2    . DC  A 1 7  ? 6.429   -9.973  -2.828  1.00 2.55  ? 7   DC  A C2    1 
ATOM   133 O  O2    . DC  A 1 7  ? 7.269   -10.854 -2.616  1.00 1.46  ? 7   DC  A O2    1 
ATOM   134 N  N3    . DC  A 1 7  ? 6.274   -9.408  -4.047  1.00 1.02  ? 7   DC  A N3    1 
ATOM   135 C  C4    . DC  A 1 7  ? 5.351   -8.459  -4.231  1.00 3.20  ? 7   DC  A C4    1 
ATOM   136 N  N4    . DC  A 1 7  ? 5.242   -7.917  -5.456  1.00 3.63  ? 7   DC  A N4    1 
ATOM   137 C  C5    . DC  A 1 7  ? 4.503   -8.019  -3.171  1.00 1.00  ? 7   DC  A C5    1 
ATOM   138 C  C6    . DC  A 1 7  ? 4.667   -8.592  -1.969  1.00 1.70  ? 7   DC  A C6    1 
HETATM 139 N  N1    . BRU A 1 8  ? 10.658  -9.013  -1.411  1.00 7.56  ? 8   BRU A N1    1 
HETATM 140 C  C2    . BRU A 1 8  ? 10.863  -8.974  -2.777  1.00 6.55  ? 8   BRU A C2    1 
HETATM 141 N  N3    . BRU A 1 8  ? 10.063  -8.087  -3.454  1.00 1.27  ? 8   BRU A N3    1 
HETATM 142 C  C4    . BRU A 1 8  ? 9.073   -7.287  -2.911  1.00 7.65  ? 8   BRU A C4    1 
HETATM 143 C  C5    . BRU A 1 8  ? 8.910   -7.427  -1.507  1.00 8.27  ? 8   BRU A C5    1 
HETATM 144 C  C6    . BRU A 1 8  ? 9.679   -8.263  -0.822  1.00 7.13  ? 8   BRU A C6    1 
HETATM 145 O  O2    . BRU A 1 8  ? 11.678  -9.691  -3.343  1.00 1.18  ? 8   BRU A O2    1 
HETATM 146 O  O4    . BRU A 1 8  ? 8.397   -6.560  -3.640  1.00 1.87  ? 8   BRU A O4    1 
HETATM 147 BR BR    . BRU A 1 8  ? 7.617   -6.391  -0.743  1.00 9.41  ? 8   BRU A BR    1 
HETATM 148 C  "C1'" . BRU A 1 8  ? 11.547  -9.856  -0.606  1.00 7.03  ? 8   BRU A "C1'" 1 
HETATM 149 C  "C2'" . BRU A 1 8  ? 11.875  -9.272  0.755   1.00 7.66  ? 8   BRU A "C2'" 1 
HETATM 150 C  "C3'" . BRU A 1 8  ? 12.301  -10.522 1.491   1.00 7.86  ? 8   BRU A "C3'" 1 
HETATM 151 C  "C4'" . BRU A 1 8  ? 11.338  -11.581 0.943   1.00 8.89  ? 8   BRU A "C4'" 1 
HETATM 152 O  "O3'" . BRU A 1 8  ? 13.620  -10.831 1.061   1.00 9.39  ? 8   BRU A "O3'" 1 
HETATM 153 O  "O4'" . BRU A 1 8  ? 10.896  -11.089 -0.345  1.00 6.78  ? 8   BRU A "O4'" 1 
HETATM 154 C  "C5'" . BRU A 1 8  ? 10.156  -11.897 1.831   1.00 9.20  ? 8   BRU A "C5'" 1 
HETATM 155 O  "O5'" . BRU A 1 8  ? 9.493   -10.700 2.224   1.00 8.50  ? 8   BRU A "O5'" 1 
HETATM 156 P  P     . BRU A 1 8  ? 8.314   -10.724 3.305   1.00 12.93 ? 8   BRU A P     1 
HETATM 157 O  OP1   . BRU A 1 8  ? 8.413   -11.988 4.078   1.00 8.89  ? 8   BRU A OP1   1 
HETATM 158 O  OP2   . BRU A 1 8  ? 8.350   -9.423  4.010   1.00 7.72  ? 8   BRU A OP2   1 
ATOM   159 P  P     . DG  A 1 9  ? 14.512  -11.867 1.909   1.00 6.52  ? 9   DG  A P     1 
ATOM   160 O  OP1   . DG  A 1 9  ? 13.678  -13.052 2.170   1.00 7.15  ? 9   DG  A OP1   1 
ATOM   161 O  OP2   . DG  A 1 9  ? 15.123  -11.127 3.047   1.00 8.04  ? 9   DG  A OP2   1 
ATOM   162 O  "O5'" . DG  A 1 9  ? 15.678  -12.286 0.907   1.00 8.83  ? 9   DG  A "O5'" 1 
ATOM   163 C  "C5'" . DG  A 1 9  ? 15.559  -13.454 0.101   1.00 8.24  ? 9   DG  A "C5'" 1 
ATOM   164 C  "C4'" . DG  A 1 9  ? 16.191  -13.210 -1.246  1.00 5.90  ? 9   DG  A "C4'" 1 
ATOM   165 O  "O4'" . DG  A 1 9  ? 15.535  -12.063 -1.843  1.00 3.92  ? 9   DG  A "O4'" 1 
ATOM   166 C  "C3'" . DG  A 1 9  ? 17.674  -12.854 -1.170  1.00 6.51  ? 9   DG  A "C3'" 1 
ATOM   167 O  "O3'" . DG  A 1 9  ? 18.363  -13.405 -2.299  1.00 2.82  ? 9   DG  A "O3'" 1 
ATOM   168 C  "C2'" . DG  A 1 9  ? 17.670  -11.333 -1.168  1.00 5.18  ? 9   DG  A "C2'" 1 
ATOM   169 C  "C1'" . DG  A 1 9  ? 16.449  -10.997 -2.013  1.00 3.92  ? 9   DG  A "C1'" 1 
ATOM   170 N  N9    . DG  A 1 9  ? 15.747  -9.769  -1.654  1.00 3.02  ? 9   DG  A N9    1 
ATOM   171 C  C8    . DG  A 1 9  ? 15.615  -9.205  -0.407  1.00 4.30  ? 9   DG  A C8    1 
ATOM   172 N  N7    . DG  A 1 9  ? 14.873  -8.127  -0.410  1.00 3.48  ? 9   DG  A N7    1 
ATOM   173 C  C5    . DG  A 1 9  ? 14.507  -7.965  -1.743  1.00 5.50  ? 9   DG  A C5    1 
ATOM   174 C  C6    . DG  A 1 9  ? 13.695  -6.968  -2.378  1.00 3.65  ? 9   DG  A C6    1 
ATOM   175 O  O6    . DG  A 1 9  ? 13.112  -6.009  -1.876  1.00 2.55  ? 9   DG  A O6    1 
ATOM   176 N  N1    . DG  A 1 9  ? 13.603  -7.183  -3.747  1.00 3.63  ? 9   DG  A N1    1 
ATOM   177 C  C2    . DG  A 1 9  ? 14.200  -8.216  -4.426  1.00 5.94  ? 9   DG  A C2    1 
ATOM   178 N  N2    . DG  A 1 9  ? 14.001  -8.248  -5.756  1.00 1.81  ? 9   DG  A N2    1 
ATOM   179 N  N3    . DG  A 1 9  ? 14.938  -9.151  -3.851  1.00 5.11  ? 9   DG  A N3    1 
ATOM   180 C  C4    . DG  A 1 9  ? 15.051  -8.963  -2.523  1.00 2.84  ? 9   DG  A C4    1 
ATOM   181 P  P     . DG  A 1 10 ? 19.932  -13.118 -2.492  1.00 3.43  ? 10  DG  A P     1 
ATOM   182 O  OP1   . DG  A 1 10 ? 20.428  -14.169 -3.413  1.00 1.46  ? 10  DG  A OP1   1 
ATOM   183 O  OP2   . DG  A 1 10 ? 20.584  -12.903 -1.196  1.00 1.62  ? 10  DG  A OP2   1 
ATOM   184 O  "O5'" . DG  A 1 10 ? 19.945  -11.732 -3.268  1.00 1.00  ? 10  DG  A "O5'" 1 
ATOM   185 C  "C5'" . DG  A 1 10 ? 19.575  -11.688 -4.643  1.00 1.00  ? 10  DG  A "C5'" 1 
ATOM   186 C  "C4'" . DG  A 1 10 ? 19.925  -10.345 -5.234  1.00 6.66  ? 10  DG  A "C4'" 1 
ATOM   187 O  "O4'" . DG  A 1 10 ? 19.008  -9.332  -4.745  1.00 3.47  ? 10  DG  A "O4'" 1 
ATOM   188 C  "C3'" . DG  A 1 10 ? 21.330  -9.863  -4.870  1.00 2.16  ? 10  DG  A "C3'" 1 
ATOM   189 O  "O3'" . DG  A 1 10 ? 21.892  -9.068  -5.905  1.00 8.92  ? 10  DG  A "O3'" 1 
ATOM   190 C  "C2'" . DG  A 1 10 ? 21.070  -8.911  -3.719  1.00 5.60  ? 10  DG  A "C2'" 1 
ATOM   191 C  "C1'" . DG  A 1 10 ? 19.764  -8.281  -4.159  1.00 7.99  ? 10  DG  A "C1'" 1 
ATOM   192 N  N9    . DG  A 1 10 ? 18.966  -7.688  -3.090  1.00 9.62  ? 10  DG  A N9    1 
ATOM   193 C  C8    . DG  A 1 10 ? 19.020  -7.950  -1.738  1.00 8.94  ? 10  DG  A C8    1 
ATOM   194 N  N7    . DG  A 1 10 ? 18.166  -7.239  -1.047  1.00 9.26  ? 10  DG  A N7    1 
ATOM   195 C  C5    . DG  A 1 10 ? 17.519  -6.464  -2.002  1.00 7.89  ? 10  DG  A C5    1 
ATOM   196 C  C6    . DG  A 1 10 ? 16.503  -5.488  -1.861  1.00 5.83  ? 10  DG  A C6    1 
ATOM   197 O  O6    . DG  A 1 10 ? 15.950  -5.097  -0.826  1.00 5.50  ? 10  DG  A O6    1 
ATOM   198 N  N1    . DG  A 1 10 ? 16.137  -4.953  -3.099  1.00 6.83  ? 10  DG  A N1    1 
ATOM   199 C  C2    . DG  A 1 10 ? 16.688  -5.317  -4.314  1.00 5.45  ? 10  DG  A C2    1 
ATOM   200 N  N2    . DG  A 1 10 ? 16.217  -4.703  -5.407  1.00 7.28  ? 10  DG  A N2    1 
ATOM   201 N  N3    . DG  A 1 10 ? 17.633  -6.214  -4.446  1.00 5.71  ? 10  DG  A N3    1 
ATOM   202 C  C4    . DG  A 1 10 ? 18.001  -6.739  -3.265  1.00 6.92  ? 10  DG  A C4    1 
ATOM   203 O  "O5'" . DC  B 1 1  ? -9.458  -16.213 0.716   1.00 14.15 ? 11  DC  B "O5'" 1 
ATOM   204 C  "C5'" . DC  B 1 1  ? -9.426  -16.327 2.137   1.00 15.47 ? 11  DC  B "C5'" 1 
ATOM   205 C  "C4'" . DC  B 1 1  ? -10.703 -15.824 2.767   1.00 15.06 ? 11  DC  B "C4'" 1 
ATOM   206 O  "O4'" . DC  B 1 1  ? -10.521 -15.718 4.201   1.00 12.57 ? 11  DC  B "O4'" 1 
ATOM   207 C  "C3'" . DC  B 1 1  ? -11.124 -14.433 2.291   1.00 14.44 ? 11  DC  B "C3'" 1 
ATOM   208 O  "O3'" . DC  B 1 1  ? -12.554 -14.352 2.269   1.00 15.28 ? 11  DC  B "O3'" 1 
ATOM   209 C  "C2'" . DC  B 1 1  ? -10.534 -13.513 3.345   1.00 12.17 ? 11  DC  B "C2'" 1 
ATOM   210 C  "C1'" . DC  B 1 1  ? -10.637 -14.358 4.612   1.00 12.47 ? 11  DC  B "C1'" 1 
ATOM   211 N  N1    . DC  B 1 1  ? -9.569  -14.099 5.587   1.00 12.23 ? 11  DC  B N1    1 
ATOM   212 C  C2    . DC  B 1 1  ? -9.822  -13.232 6.656   1.00 11.28 ? 11  DC  B C2    1 
ATOM   213 O  O2    . DC  B 1 1  ? -10.943 -12.703 6.749   1.00 10.70 ? 11  DC  B O2    1 
ATOM   214 N  N3    . DC  B 1 1  ? -8.842  -12.993 7.558   1.00 10.15 ? 11  DC  B N3    1 
ATOM   215 C  C4    . DC  B 1 1  ? -7.648  -13.579 7.419   1.00 11.32 ? 11  DC  B C4    1 
ATOM   216 N  N4    . DC  B 1 1  ? -6.706  -13.305 8.322   1.00 10.78 ? 11  DC  B N4    1 
ATOM   217 C  C5    . DC  B 1 1  ? -7.366  -14.467 6.344   1.00 9.55  ? 11  DC  B C5    1 
ATOM   218 C  C6    . DC  B 1 1  ? -8.346  -14.697 5.459   1.00 11.82 ? 11  DC  B C6    1 
ATOM   219 P  P     . DC  B 1 2  ? -13.285 -13.520 1.111   1.00 17.01 ? 12  DC  B P     1 
ATOM   220 O  OP1   . DC  B 1 2  ? -14.736 -13.840 1.157   1.00 13.06 ? 12  DC  B OP1   1 
ATOM   221 O  OP2   . DC  B 1 2  ? -12.524 -13.698 -0.157  1.00 16.54 ? 12  DC  B OP2   1 
ATOM   222 O  "O5'" . DC  B 1 2  ? -13.139 -12.004 1.570   1.00 14.56 ? 12  DC  B "O5'" 1 
ATOM   223 C  "C5'" . DC  B 1 2  ? -14.150 -11.397 2.356   1.00 10.51 ? 12  DC  B "C5'" 1 
ATOM   224 C  "C4'" . DC  B 1 2  ? -13.750 -9.985  2.705   1.00 10.18 ? 12  DC  B "C4'" 1 
ATOM   225 O  "O4'" . DC  B 1 2  ? -12.590 -9.996  3.559   1.00 6.68  ? 12  DC  B "O4'" 1 
ATOM   226 C  "C3'" . DC  B 1 2  ? -13.376 -9.092  1.520   1.00 8.39  ? 12  DC  B "C3'" 1 
ATOM   227 O  "O3'" . DC  B 1 2  ? -13.745 -7.762  1.881   1.00 6.23  ? 12  DC  B "O3'" 1 
ATOM   228 C  "C2'" . DC  B 1 2  ? -11.860 -9.166  1.515   1.00 6.05  ? 12  DC  B "C2'" 1 
ATOM   229 C  "C1'" . DC  B 1 2  ? -11.630 -9.113  3.008   1.00 7.77  ? 12  DC  B "C1'" 1 
ATOM   230 N  N1    . DC  B 1 2  ? -10.317 -9.464  3.556   1.00 5.97  ? 12  DC  B N1    1 
ATOM   231 C  C2    . DC  B 1 2  ? -10.044 -9.092  4.870   1.00 8.73  ? 12  DC  B C2    1 
ATOM   232 O  O2    . DC  B 1 2  ? -10.890 -8.441  5.494   1.00 4.26  ? 12  DC  B O2    1 
ATOM   233 N  N3    . DC  B 1 2  ? -8.862  -9.450  5.430   1.00 8.57  ? 12  DC  B N3    1 
ATOM   234 C  C4    . DC  B 1 2  ? -7.973  -10.140 4.719   1.00 7.01  ? 12  DC  B C4    1 
ATOM   235 N  N4    . DC  B 1 2  ? -6.829  -10.489 5.320   1.00 8.27  ? 12  DC  B N4    1 
ATOM   236 C  C5    . DC  B 1 2  ? -8.215  -10.508 3.366   1.00 8.84  ? 12  DC  B C5    1 
ATOM   237 C  C6    . DC  B 1 2  ? -9.388  -10.148 2.826   1.00 8.33  ? 12  DC  B C6    1 
ATOM   238 P  P     . DA  B 1 3  ? -14.967 -7.040  1.147   1.00 7.79  ? 13  DA  B P     1 
ATOM   239 O  OP1   . DA  B 1 3  ? -16.159 -7.933  1.133   1.00 5.17  ? 13  DA  B OP1   1 
ATOM   240 O  OP2   . DA  B 1 3  ? -14.436 -6.501  -0.118  1.00 1.00  ? 13  DA  B OP2   1 
ATOM   241 O  "O5'" . DA  B 1 3  ? -15.322 -5.839  2.119   1.00 6.96  ? 13  DA  B "O5'" 1 
ATOM   242 C  "C5'" . DA  B 1 3  ? -16.041 -6.075  3.319   1.00 5.11  ? 13  DA  B "C5'" 1 
ATOM   243 C  "C4'" . DA  B 1 3  ? -15.593 -5.107  4.384   1.00 3.33  ? 13  DA  B "C4'" 1 
ATOM   244 O  "O4'" . DA  B 1 3  ? -14.204 -5.354  4.684   1.00 4.17  ? 13  DA  B "O4'" 1 
ATOM   245 C  "C3'" . DA  B 1 3  ? -15.678 -3.639  3.988   1.00 1.25  ? 13  DA  B "C3'" 1 
ATOM   246 O  "O3'" . DA  B 1 3  ? -16.039 -2.879  5.135   1.00 1.00  ? 13  DA  B "O3'" 1 
ATOM   247 C  "C2'" . DA  B 1 3  ? -14.277 -3.311  3.512   1.00 1.00  ? 13  DA  B "C2'" 1 
ATOM   248 C  "C1'" . DA  B 1 3  ? -13.396 -4.238  4.334   1.00 2.44  ? 13  DA  B "C1'" 1 
ATOM   249 N  N9    . DA  B 1 3  ? -12.251 -4.769  3.598   1.00 2.99  ? 13  DA  B N9    1 
ATOM   250 C  C8    . DA  B 1 3  ? -12.214 -5.115  2.271   1.00 2.47  ? 13  DA  B C8    1 
ATOM   251 N  N7    . DA  B 1 3  ? -11.078 -5.632  1.891   1.00 3.76  ? 13  DA  B N7    1 
ATOM   252 C  C5    . DA  B 1 3  ? -10.306 -5.619  3.044   1.00 2.31  ? 13  DA  B C5    1 
ATOM   253 C  C6    . DA  B 1 3  ? -8.989  -6.045  3.306   1.00 3.96  ? 13  DA  B C6    1 
ATOM   254 N  N6    . DA  B 1 3  ? -8.204  -6.630  2.392   1.00 1.00  ? 13  DA  B N6    1 
ATOM   255 N  N1    . DA  B 1 3  ? -8.507  -5.861  4.556   1.00 1.74  ? 13  DA  B N1    1 
ATOM   256 C  C2    . DA  B 1 3  ? -9.315  -5.313  5.482   1.00 3.42  ? 13  DA  B C2    1 
ATOM   257 N  N3    . DA  B 1 3  ? -10.571 -4.889  5.359   1.00 1.71  ? 13  DA  B N3    1 
ATOM   258 C  C4    . DA  B 1 3  ? -11.010 -5.070  4.099   1.00 1.00  ? 13  DA  B C4    1 
ATOM   259 P  P     . DG  B 1 4  ? -16.018 -1.272  5.075   1.00 5.67  ? 14  DG  B P     1 
ATOM   260 O  OP1   . DG  B 1 4  ? -17.022 -0.844  6.073   1.00 1.00  ? 14  DG  B OP1   1 
ATOM   261 O  OP2   . DG  B 1 4  ? -16.128 -0.820  3.665   1.00 1.85  ? 14  DG  B OP2   1 
ATOM   262 O  "O5'" . DG  B 1 4  ? -14.567 -0.928  5.635   1.00 1.00  ? 14  DG  B "O5'" 1 
ATOM   263 C  "C5'" . DG  B 1 4  ? -14.153 -1.518  6.851   1.00 1.96  ? 14  DG  B "C5'" 1 
ATOM   264 C  "C4'" . DG  B 1 4  ? -12.742 -1.120  7.204   1.00 5.41  ? 14  DG  B "C4'" 1 
ATOM   265 O  "O4'" . DG  B 1 4  ? -11.779 -1.885  6.440   1.00 6.86  ? 14  DG  B "O4'" 1 
ATOM   266 C  "C3'" . DG  B 1 4  ? -12.371 0.354   7.043   1.00 5.87  ? 14  DG  B "C3'" 1 
ATOM   267 O  "O3'" . DG  B 1 4  ? -11.770 0.794   8.267   1.00 7.41  ? 14  DG  B "O3'" 1 
ATOM   268 C  "C2'" . DG  B 1 4  ? -11.385 0.353   5.882   1.00 5.68  ? 14  DG  B "C2'" 1 
ATOM   269 C  "C1'" . DG  B 1 4  ? -10.748 -1.029  5.997   1.00 4.25  ? 14  DG  B "C1'" 1 
ATOM   270 N  N9    . DG  B 1 4  ? -10.220 -1.595  4.762   1.00 3.28  ? 14  DG  B N9    1 
ATOM   271 C  C8    . DG  B 1 4  ? -10.835 -1.645  3.535   1.00 1.75  ? 14  DG  B C8    1 
ATOM   272 N  N7    . DG  B 1 4  ? -10.103 -2.222  2.618   1.00 1.00  ? 14  DG  B N7    1 
ATOM   273 C  C5    . DG  B 1 4  ? -8.930  -2.573  3.281   1.00 2.18  ? 14  DG  B C5    1 
ATOM   274 C  C6    . DG  B 1 4  ? -7.751  -3.221  2.803   1.00 1.00  ? 14  DG  B C6    1 
ATOM   275 O  O6    . DG  B 1 4  ? -7.513  -3.641  1.675   1.00 1.00  ? 14  DG  B O6    1 
ATOM   276 N  N1    . DG  B 1 4  ? -6.801  -3.371  3.811   1.00 1.00  ? 14  DG  B N1    1 
ATOM   277 C  C2    . DG  B 1 4  ? -6.968  -2.966  5.116   1.00 2.70  ? 14  DG  B C2    1 
ATOM   278 N  N2    . DG  B 1 4  ? -5.940  -3.200  5.952   1.00 3.62  ? 14  DG  B N2    1 
ATOM   279 N  N3    . DG  B 1 4  ? -8.062  -2.372  5.573   1.00 4.70  ? 14  DG  B N3    1 
ATOM   280 C  C4    . DG  B 1 4  ? -8.990  -2.203  4.608   1.00 3.37  ? 14  DG  B C4    1 
ATOM   281 P  P     . DT  B 1 5  ? -10.978 2.183   8.320   1.00 8.45  ? 15  DT  B P     1 
ATOM   282 O  OP1   . DT  B 1 5  ? -11.265 2.814   9.623   1.00 5.30  ? 15  DT  B OP1   1 
ATOM   283 O  OP2   . DT  B 1 5  ? -11.216 2.941   7.058   1.00 5.21  ? 15  DT  B OP2   1 
ATOM   284 O  "O5'" . DT  B 1 5  ? -9.455  1.706   8.355   1.00 9.04  ? 15  DT  B "O5'" 1 
ATOM   285 C  "C5'" . DT  B 1 5  ? -9.056  0.651   9.235   1.00 9.51  ? 15  DT  B "C5'" 1 
ATOM   286 C  "C4'" . DT  B 1 5  ? -7.566  0.420   9.147   1.00 8.86  ? 15  DT  B "C4'" 1 
ATOM   287 O  "O4'" . DT  B 1 5  ? -7.208  -0.163  7.870   1.00 5.62  ? 15  DT  B "O4'" 1 
ATOM   288 C  "C3'" . DT  B 1 5  ? -6.744  1.696   9.266   1.00 10.62 ? 15  DT  B "C3'" 1 
ATOM   289 O  "O3'" . DT  B 1 5  ? -5.535  1.429   9.963   1.00 12.56 ? 15  DT  B "O3'" 1 
ATOM   290 C  "C2'" . DT  B 1 5  ? -6.413  2.022   7.826   1.00 10.74 ? 15  DT  B "C2'" 1 
ATOM   291 C  "C1'" . DT  B 1 5  ? -6.193  0.631   7.279   1.00 9.42  ? 15  DT  B "C1'" 1 
ATOM   292 N  N1    . DT  B 1 5  ? -6.330  0.532   5.827   1.00 8.65  ? 15  DT  B N1    1 
ATOM   293 C  C2    . DT  B 1 5  ? -5.304  -0.037  5.098   1.00 8.03  ? 15  DT  B C2    1 
ATOM   294 O  O2    . DT  B 1 5  ? -4.255  -0.411  5.594   1.00 5.31  ? 15  DT  B O2    1 
ATOM   295 N  N3    . DT  B 1 5  ? -5.556  -0.144  3.753   1.00 9.38  ? 15  DT  B N3    1 
ATOM   296 C  C4    . DT  B 1 5  ? -6.698  0.261   3.083   1.00 7.13  ? 15  DT  B C4    1 
ATOM   297 O  O4    . DT  B 1 5  ? -6.799  0.051   1.884   1.00 3.41  ? 15  DT  B O4    1 
ATOM   298 C  C5    . DT  B 1 5  ? -7.709  0.895   3.911   1.00 7.75  ? 15  DT  B C5    1 
ATOM   299 C  C7    . DT  B 1 5  ? -8.963  1.418   3.281   1.00 9.27  ? 15  DT  B C7    1 
ATOM   300 C  C6    . DT  B 1 5  ? -7.475  0.989   5.221   1.00 8.24  ? 15  DT  B C6    1 
ATOM   301 P  P     . DA  B 1 6  ? -4.775  2.635   10.695  1.00 13.15 ? 16  DA  B P     1 
ATOM   302 O  OP1   . DA  B 1 6  ? -4.428  2.144   12.051  1.00 17.00 ? 16  DA  B OP1   1 
ATOM   303 O  OP2   . DA  B 1 6  ? -5.570  3.880   10.533  1.00 14.80 ? 16  DA  B OP2   1 
ATOM   304 O  "O5'" . DA  B 1 6  ? -3.437  2.800   9.853   1.00 12.73 ? 16  DA  B "O5'" 1 
ATOM   305 C  "C5'" . DA  B 1 6  ? -2.608  1.677   9.607   1.00 12.12 ? 16  DA  B "C5'" 1 
ATOM   306 C  "C4'" . DA  B 1 6  ? -1.579  2.010   8.557   1.00 10.95 ? 16  DA  B "C4'" 1 
ATOM   307 O  "O4'" . DA  B 1 6  ? -2.132  1.889   7.227   1.00 7.11  ? 16  DA  B "O4'" 1 
ATOM   308 C  "C3'" . DA  B 1 6  ? -1.008  3.420   8.658   1.00 9.72  ? 16  DA  B "C3'" 1 
ATOM   309 O  "O3'" . DA  B 1 6  ? 0.394   3.347   8.441   1.00 13.87 ? 16  DA  B "O3'" 1 
ATOM   310 C  "C2'" . DA  B 1 6  ? -1.694  4.165   7.524   1.00 10.01 ? 16  DA  B "C2'" 1 
ATOM   311 C  "C1'" . DA  B 1 6  ? -1.863  3.063   6.487   1.00 6.24  ? 16  DA  B "C1'" 1 
ATOM   312 N  N9    . DA  B 1 6  ? -2.944  3.221   5.510   1.00 5.17  ? 16  DA  B N9    1 
ATOM   313 C  C8    . DA  B 1 6  ? -4.177  3.800   5.655   1.00 3.56  ? 16  DA  B C8    1 
ATOM   314 N  N7    . DA  B 1 6  ? -4.924  3.735   4.576   1.00 3.22  ? 16  DA  B N7    1 
ATOM   315 C  C5    . DA  B 1 6  ? -4.125  3.072   3.657   1.00 3.16  ? 16  DA  B C5    1 
ATOM   316 C  C6    . DA  B 1 6  ? -4.325  2.697   2.310   1.00 3.03  ? 16  DA  B C6    1 
ATOM   317 N  N6    . DA  B 1 6  ? -5.454  2.907   1.631   1.00 1.00  ? 16  DA  B N6    1 
ATOM   318 N  N1    . DA  B 1 6  ? -3.303  2.082   1.676   1.00 4.40  ? 16  DA  B N1    1 
ATOM   319 C  C2    . DA  B 1 6  ? -2.173  1.859   2.346   1.00 3.18  ? 16  DA  B C2    1 
ATOM   320 N  N3    . DA  B 1 6  ? -1.870  2.149   3.610   1.00 3.37  ? 16  DA  B N3    1 
ATOM   321 C  C4    . DA  B 1 6  ? -2.898  2.762   4.215   1.00 4.42  ? 16  DA  B C4    1 
ATOM   322 P  P     . DC  B 1 7  ? 1.359   4.364   9.199   1.00 15.87 ? 17  DC  B P     1 
ATOM   323 O  OP1   . DC  B 1 7  ? 2.738   3.843   9.043   1.00 18.09 ? 17  DC  B OP1   1 
ATOM   324 O  OP2   . DC  B 1 7  ? 0.805   4.594   10.557  1.00 13.85 ? 17  DC  B OP2   1 
ATOM   325 O  "O5'" . DC  B 1 7  ? 1.191   5.704   8.354   1.00 20.13 ? 17  DC  B "O5'" 1 
ATOM   326 C  "C5'" . DC  B 1 7  ? 2.140   6.072   7.356   1.00 18.46 ? 17  DC  B "C5'" 1 
ATOM   327 C  "C4'" . DC  B 1 7  ? 2.337   4.944   6.369   1.00 18.57 ? 17  DC  B "C4'" 1 
ATOM   328 O  "O4'" . DC  B 1 7  ? 1.066   4.566   5.785   1.00 16.30 ? 17  DC  B "O4'" 1 
ATOM   329 C  "C3'" . DC  B 1 7  ? 3.246   5.324   5.201   1.00 16.60 ? 17  DC  B "C3'" 1 
ATOM   330 O  "O3'" . DC  B 1 7  ? 4.154   4.272   4.881   1.00 18.29 ? 17  DC  B "O3'" 1 
ATOM   331 C  "C2'" . DC  B 1 7  ? 2.286   5.560   4.057   1.00 16.30 ? 17  DC  B "C2'" 1 
ATOM   332 C  "C1'" . DC  B 1 7  ? 1.164   4.601   4.374   1.00 15.04 ? 17  DC  B "C1'" 1 
ATOM   333 N  N1    . DC  B 1 7  ? -0.134  5.022   3.834   1.00 13.93 ? 17  DC  B N1    1 
ATOM   334 C  C2    . DC  B 1 7  ? -0.416  4.731   2.505   1.00 14.47 ? 17  DC  B C2    1 
ATOM   335 O  O2    . DC  B 1 7  ? 0.451   4.169   1.827   1.00 15.08 ? 17  DC  B O2    1 
ATOM   336 N  N3    . DC  B 1 7  ? -1.621  5.072   1.989   1.00 13.11 ? 17  DC  B N3    1 
ATOM   337 C  C4    . DC  B 1 7  ? -2.520  5.694   2.751   1.00 12.29 ? 17  DC  B C4    1 
ATOM   338 N  N4    . DC  B 1 7  ? -3.698  5.999   2.201   1.00 8.06  ? 17  DC  B N4    1 
ATOM   339 C  C5    . DC  B 1 7  ? -2.251  6.029   4.113   1.00 11.50 ? 17  DC  B C5    1 
ATOM   340 C  C6    . DC  B 1 7  ? -1.052  5.676   4.609   1.00 14.58 ? 17  DC  B C6    1 
HETATM 341 N  N1    . BRU B 1 8  ? 3.068   7.472   0.477   1.00 15.66 ? 18  BRU B N1    1 
HETATM 342 C  C2    . BRU B 1 8  ? 2.017   7.393   -0.419  1.00 13.68 ? 18  BRU B C2    1 
HETATM 343 N  N3    . BRU B 1 8  ? 0.792   7.732   0.094   1.00 13.97 ? 18  BRU B N3    1 
HETATM 344 C  C4    . BRU B 1 8  ? 0.522   8.133   1.382   1.00 13.22 ? 18  BRU B C4    1 
HETATM 345 C  C5    . BRU B 1 8  ? 1.670   8.228   2.230   1.00 14.05 ? 18  BRU B C5    1 
HETATM 346 C  C6    . BRU B 1 8  ? 2.873   7.902   1.764   1.00 11.09 ? 18  BRU B C6    1 
HETATM 347 O  O2    . BRU B 1 8  ? 2.161   7.056   -1.574  1.00 12.90 ? 18  BRU B O2    1 
HETATM 348 O  O4    . BRU B 1 8  ? -0.642  8.241   1.743   1.00 14.58 ? 18  BRU B O4    1 
HETATM 349 BR BR    . BRU B 1 8  ? 1.366   8.819   3.931   1.00 12.40 ? 18  BRU B BR    1 
HETATM 350 C  "C1'" . BRU B 1 8  ? 4.390   7.054   0.000   1.00 13.04 ? 18  BRU B "C1'" 1 
HETATM 351 C  "C2'" . BRU B 1 8  ? 5.559   7.555   0.825   1.00 12.51 ? 18  BRU B "C2'" 1 
HETATM 352 C  "C3'" . BRU B 1 8  ? 6.594   6.469   0.591   1.00 14.55 ? 18  BRU B "C3'" 1 
HETATM 353 C  "C4'" . BRU B 1 8  ? 5.745   5.205   0.487   1.00 15.92 ? 18  BRU B "C4'" 1 
HETATM 354 O  "O3'" . BRU B 1 8  ? 7.259   6.676   -0.658  1.00 12.38 ? 18  BRU B "O3'" 1 
HETATM 355 O  "O4'" . BRU B 1 8  ? 4.429   5.643   0.087   1.00 15.77 ? 18  BRU B "O4'" 1 
HETATM 356 C  "C5'" . BRU B 1 8  ? 5.666   4.365   1.742   1.00 16.20 ? 18  BRU B "C5'" 1 
HETATM 357 O  "O5'" . BRU B 1 8  ? 5.370   5.182   2.872   1.00 17.24 ? 18  BRU B "O5'" 1 
HETATM 358 P  P     . BRU B 1 8  ? 5.626   4.646   4.350   1.00 19.71 ? 18  BRU B P     1 
HETATM 359 O  OP1   . BRU B 1 8  ? 6.419   3.392   4.276   1.00 17.98 ? 18  BRU B OP1   1 
HETATM 360 O  OP2   . BRU B 1 8  ? 6.120   5.783   5.169   1.00 14.96 ? 18  BRU B OP2   1 
ATOM   361 P  P     . DG  B 1 9  ? 8.781   6.180   -0.844  1.00 6.40  ? 19  DG  B P     1 
ATOM   362 O  OP1   . DG  B 1 9  ? 8.949   4.882   -0.155  1.00 9.60  ? 19  DG  B OP1   1 
ATOM   363 O  OP2   . DG  B 1 9  ? 9.660   7.318   -0.483  1.00 11.00 ? 19  DG  B OP2   1 
ATOM   364 O  "O5'" . DG  B 1 9  ? 8.896   5.903   -2.404  1.00 11.43 ? 19  DG  B "O5'" 1 
ATOM   365 C  "C5'" . DG  B 1 9  ? 8.257   4.773   -2.997  1.00 10.56 ? 19  DG  B "C5'" 1 
ATOM   366 C  "C4'" . DG  B 1 9  ? 7.436   5.204   -4.192  1.00 8.86  ? 19  DG  B "C4'" 1 
ATOM   367 O  "O4'" . DG  B 1 9  ? 6.370   6.058   -3.736  1.00 11.16 ? 19  DG  B "O4'" 1 
ATOM   368 C  "C3'" . DG  B 1 9  ? 8.182   6.031   -5.235  1.00 8.45  ? 19  DG  B "C3'" 1 
ATOM   369 O  "O3'" . DG  B 1 9  ? 7.593   5.828   -6.528  1.00 6.09  ? 19  DG  B "O3'" 1 
ATOM   370 C  "C2'" . DG  B 1 9  ? 7.924   7.453   -4.777  1.00 8.61  ? 19  DG  B "C2'" 1 
ATOM   371 C  "C1'" . DG  B 1 9  ? 6.489   7.341   -4.333  1.00 7.93  ? 19  DG  B "C1'" 1 
ATOM   372 N  N9    . DG  B 1 9  ? 6.025   8.315   -3.356  1.00 9.24  ? 19  DG  B N9    1 
ATOM   373 C  C8    . DG  B 1 9  ? 6.740   8.928   -2.354  1.00 6.55  ? 19  DG  B C8    1 
ATOM   374 N  N7    . DG  B 1 9  ? 5.994   9.672   -1.586  1.00 6.69  ? 19  DG  B N7    1 
ATOM   375 C  C5    . DG  B 1 9  ? 4.719   9.549   -2.125  1.00 6.57  ? 19  DG  B C5    1 
ATOM   376 C  C6    . DG  B 1 9  ? 3.483   10.093  -1.705  1.00 3.65  ? 19  DG  B C6    1 
ATOM   377 O  O6    . DG  B 1 9  ? 3.246   10.775  -0.720  1.00 4.28  ? 19  DG  B O6    1 
ATOM   378 N  N1    . DG  B 1 9  ? 2.450   9.743   -2.560  1.00 6.00  ? 19  DG  B N1    1 
ATOM   379 C  C2    . DG  B 1 9  ? 2.579   8.950   -3.669  1.00 6.29  ? 19  DG  B C2    1 
ATOM   380 N  N2    . DG  B 1 9  ? 1.460   8.737   -4.384  1.00 7.28  ? 19  DG  B N2    1 
ATOM   381 N  N3    . DG  B 1 9  ? 3.715   8.409   -4.052  1.00 7.27  ? 19  DG  B N3    1 
ATOM   382 C  C4    . DG  B 1 9  ? 4.737   8.750   -3.239  1.00 7.46  ? 19  DG  B C4    1 
ATOM   383 P  P     . DG  B 1 10 ? 8.486   6.037   -7.845  1.00 6.45  ? 20  DG  B P     1 
ATOM   384 O  OP1   . DG  B 1 10 ? 8.931   4.694   -8.306  1.00 6.28  ? 20  DG  B OP1   1 
ATOM   385 O  OP2   . DG  B 1 10 ? 9.494   7.066   -7.484  1.00 6.74  ? 20  DG  B OP2   1 
ATOM   386 O  "O5'" . DG  B 1 10 ? 7.487   6.630   -8.937  1.00 7.00  ? 20  DG  B "O5'" 1 
ATOM   387 C  "C5'" . DG  B 1 10 ? 6.417   5.844   -9.460  1.00 7.22  ? 20  DG  B "C5'" 1 
ATOM   388 C  "C4'" . DG  B 1 10 ? 5.303   6.740   -9.948  1.00 10.19 ? 20  DG  B "C4'" 1 
ATOM   389 O  "O4'" . DG  B 1 10 ? 4.902   7.581   -8.837  1.00 9.14  ? 20  DG  B "O4'" 1 
ATOM   390 C  "C3'" . DG  B 1 10 ? 5.703   7.703   -11.067 1.00 9.49  ? 20  DG  B "C3'" 1 
ATOM   391 O  "O3'" . DG  B 1 10 ? 4.572   8.088   -11.856 1.00 6.30  ? 20  DG  B "O3'" 1 
ATOM   392 C  "C2'" . DG  B 1 10 ? 6.153   8.933   -10.300 1.00 8.69  ? 20  DG  B "C2'" 1 
ATOM   393 C  "C1'" . DG  B 1 10 ? 5.195   8.944   -9.119  1.00 9.09  ? 20  DG  B "C1'" 1 
ATOM   394 N  N9    . DG  B 1 10 ? 5.745   9.543   -7.906  1.00 11.29 ? 20  DG  B N9    1 
ATOM   395 C  C8    . DG  B 1 10 ? 7.037   9.447   -7.457  1.00 9.98  ? 20  DG  B C8    1 
ATOM   396 N  N7    . DG  B 1 10 ? 7.243   10.098  -6.348  1.00 13.11 ? 20  DG  B N7    1 
ATOM   397 C  C5    . DG  B 1 10 ? 6.011   10.659  -6.041  1.00 12.97 ? 20  DG  B C5    1 
ATOM   398 C  C6    . DG  B 1 10 ? 5.613   11.479  -4.939  1.00 12.98 ? 20  DG  B C6    1 
ATOM   399 O  O6    . DG  B 1 10 ? 6.296   11.881  -3.982  1.00 11.29 ? 20  DG  B O6    1 
ATOM   400 N  N1    . DG  B 1 10 ? 4.268   11.824  -5.022  1.00 11.42 ? 20  DG  B N1    1 
ATOM   401 C  C2    . DG  B 1 10 ? 3.416   11.430  -6.022  1.00 12.08 ? 20  DG  B C2    1 
ATOM   402 N  N2    . DG  B 1 10 ? 2.158   11.863  -5.925  1.00 12.50 ? 20  DG  B N2    1 
ATOM   403 N  N3    . DG  B 1 10 ? 3.769   10.667  -7.043  1.00 13.97 ? 20  DG  B N3    1 
ATOM   404 C  C4    . DG  B 1 10 ? 5.072   10.321  -6.990  1.00 12.32 ? 20  DG  B C4    1 
HETATM 405 NA NA    . NA  C 2 .  ? -0.233  -6.788  -2.495  0.50 6.08  ? 37  NA  A NA    1 
HETATM 406 CA CA    . CA  D 3 .  ? 16.663  -10.971 -7.652  1.00 14.61 ? 67  CA  A CA    1 
HETATM 407 O  O     . HOH E 4 .  ? 2.953   3.125   -3.687  1.00 1.00  ? 21  HOH A O     1 
HETATM 408 O  O     . HOH E 4 .  ? 0.053   15.389  -5.747  1.00 9.24  ? 23  HOH A O     1 
HETATM 409 O  O     . HOH E 4 .  ? 13.239  -15.299 1.232   1.00 20.80 ? 24  HOH A O     1 
HETATM 410 O  O     . HOH E 4 .  ? -1.627  17.643  -6.007  1.00 8.16  ? 25  HOH A O     1 
HETATM 411 O  O     . HOH E 4 .  ? 6.141   -4.892  -3.936  1.00 1.00  ? 26  HOH A O     1 
HETATM 412 O  O     . HOH E 4 .  ? 16.607  -11.689 -5.465  1.00 10.45 ? 27  HOH A O     1 
HETATM 413 O  O     . HOH E 4 .  ? 12.671  -13.169 -2.342  1.00 24.88 ? 29  HOH A O     1 
HETATM 414 O  O     . HOH E 4 .  ? -7.165  14.131  0.784   1.00 31.93 ? 30  HOH A O     1 
HETATM 415 O  O     . HOH E 4 .  ? -8.494  1.472   -0.775  1.00 14.51 ? 32  HOH A O     1 
HETATM 416 O  O     . HOH E 4 .  ? -3.485  0.314   -10.537 1.00 16.17 ? 33  HOH A O     1 
HETATM 417 O  O     . HOH E 4 .  ? -10.484 7.152   0.050   1.00 21.15 ? 34  HOH A O     1 
HETATM 418 O  O     . HOH E 4 .  ? -8.515  14.212  -4.579  1.00 1.88  ? 36  HOH A O     1 
HETATM 419 O  O     . HOH E 4 .  ? 0.466   -2.991  -11.155 1.00 13.40 ? 38  HOH A O     1 
HETATM 420 O  O     . HOH E 4 .  ? 3.050   0.866   -4.756  1.00 5.43  ? 39  HOH A O     1 
HETATM 421 O  O     . HOH E 4 .  ? 15.074  -7.361  2.466   1.00 1.00  ? 40  HOH A O     1 
HETATM 422 O  O     . HOH E 4 .  ? -9.374  6.654   -3.651  1.00 9.96  ? 42  HOH A O     1 
HETATM 423 O  O     . HOH E 4 .  ? -5.252  16.813  0.973   1.00 8.73  ? 43  HOH A O     1 
HETATM 424 O  O     . HOH E 4 .  ? 18.864  -15.133 -5.629  1.00 5.65  ? 44  HOH A O     1 
HETATM 425 O  O     . HOH E 4 .  ? 3.269   -1.315  1.976   1.00 30.83 ? 46  HOH A O     1 
HETATM 426 O  O     . HOH E 4 .  ? -4.112  5.798   -12.446 1.00 7.70  ? 50  HOH A O     1 
HETATM 427 O  O     . HOH E 4 .  ? 0.667   -0.125  -11.280 1.00 1.00  ? 52  HOH A O     1 
HETATM 428 O  O     . HOH E 4 .  ? -11.660 4.583   -0.724  1.00 16.22 ? 53  HOH A O     1 
HETATM 429 O  O     . HOH E 4 .  ? 17.910  -6.311  1.920   1.00 19.96 ? 54  HOH A O     1 
HETATM 430 O  O     . HOH E 4 .  ? 4.959   -0.783  -0.204  1.00 15.69 ? 55  HOH A O     1 
HETATM 431 O  O     . HOH E 4 .  ? -3.036  6.590   -10.215 1.00 23.68 ? 57  HOH A O     1 
HETATM 432 O  O     . HOH E 4 .  ? 1.379   4.001   -8.336  1.00 13.56 ? 61  HOH A O     1 
HETATM 433 O  O     . HOH E 4 .  ? 2.928   2.552   -0.699  1.00 21.89 ? 62  HOH A O     1 
HETATM 434 O  O     . HOH E 4 .  ? 11.825  -6.016  0.794   1.00 16.50 ? 64  HOH A O     1 
HETATM 435 O  O     . HOH E 4 .  ? 12.185  -8.862  4.380   1.00 32.71 ? 65  HOH A O     1 
HETATM 436 O  O     . HOH E 4 .  ? -4.171  -0.542  -6.561  1.00 1.47  ? 66  HOH A O     1 
HETATM 437 O  O     . HOH E 4 .  ? 3.857   -8.416  4.767   0.5  1.00  ? 68  HOH A O     1 
HETATM 438 O  O     . HOH E 4 .  ? 4.725   3.672   -6.435  1.00 21.57 ? 70  HOH A O     1 
HETATM 439 O  O     . HOH E 4 .  ? -8.303  9.959   -1.914  1.00 21.69 ? 72  HOH A O     1 
HETATM 440 O  O     . HOH E 4 .  ? 8.007   -1.095  1.839   1.00 13.71 ? 73  HOH A O     1 
HETATM 441 O  O     . HOH E 4 .  ? 9.878   -9.567  5.750   1.00 16.75 ? 76  HOH A O     1 
HETATM 442 O  O     . HOH E 4 .  ? 8.992   -7.237  2.560   1.00 9.15  ? 77  HOH A O     1 
HETATM 443 O  O     . HOH E 4 .  ? 19.727  -5.919  3.596   1.00 9.89  ? 79  HOH A O     1 
HETATM 444 O  O     . HOH E 4 .  ? 17.180  -8.963  -6.709  1.00 14.17 ? 80  HOH A O     1 
HETATM 445 O  O     . HOH E 4 .  ? 18.822  -10.695 -8.191  1.00 6.89  ? 81  HOH A O     1 
HETATM 446 O  O     . HOH E 4 .  ? 15.446  -13.655 -7.556  1.00 17.45 ? 82  HOH A O     1 
HETATM 447 O  O     . HOH E 4 .  ? -3.398  18.972  -4.634  1.00 25.44 ? 85  HOH A O     1 
HETATM 448 O  O     . HOH E 4 .  ? -12.681 10.174  -2.176  0.5  24.14 ? 86  HOH A O     1 
HETATM 449 O  O     . HOH E 4 .  ? -2.442  9.204   -11.331 1.00 24.95 ? 87  HOH A O     1 
HETATM 450 O  O     . HOH E 4 .  ? -0.796  11.477  4.922   1.00 29.23 ? 88  HOH A O     1 
HETATM 451 O  O     . HOH E 4 .  ? 6.575   -3.460  -0.748  1.00 15.02 ? 90  HOH A O     1 
HETATM 452 O  O     . HOH E 4 .  ? -4.919  7.969   -11.505 1.00 19.57 ? 96  HOH A O     1 
HETATM 453 O  O     . HOH E 4 .  ? -8.306  12.731  -1.709  1.00 23.57 ? 100 HOH A O     1 
HETATM 454 O  O     . HOH E 4 .  ? 1.796   -7.190  -5.928  1.00 19.64 ? 101 HOH A O     1 
HETATM 455 O  O     . HOH E 4 .  ? 5.620   -12.839 1.730   1.00 21.33 ? 103 HOH A O     1 
HETATM 456 O  O     . HOH E 4 .  ? -2.929  15.321  -6.007  1.00 16.85 ? 107 HOH A O     1 
HETATM 457 O  O     . HOH F 4 .  ? 2.680   7.720   -10.012 1.00 13.35 ? 22  HOH B O     1 
HETATM 458 O  O     . HOH F 4 .  ? 4.902   7.902   5.220   1.00 10.62 ? 28  HOH B O     1 
HETATM 459 O  O     . HOH F 4 .  ? -12.366 -8.617  -1.671  1.00 15.26 ? 31  HOH B O     1 
HETATM 460 O  O     . HOH F 4 .  ? 1.891   2.386   12.339  1.00 25.91 ? 35  HOH B O     1 
HETATM 461 O  O     . HOH F 4 .  ? -22.039 -6.754  3.450   1.00 25.42 ? 41  HOH B O     1 
HETATM 462 O  O     . HOH F 4 .  ? -5.825  2.926   13.680  1.00 1.00  ? 45  HOH B O     1 
HETATM 463 O  O     . HOH F 4 .  ? -12.833 -7.128  4.183   1.00 2.82  ? 47  HOH B O     1 
HETATM 464 O  O     . HOH F 4 .  ? 4.183   5.398   -3.164  1.00 1.00  ? 48  HOH B O     1 
HETATM 465 O  O     . HOH F 4 .  ? 7.376   7.056   3.510   1.00 6.15  ? 49  HOH B O     1 
HETATM 466 O  O     . HOH F 4 .  ? -9.027  -2.831  7.943   1.00 1.00  ? 51  HOH B O     1 
HETATM 467 O  O     . HOH F 4 .  ? 7.594   11.082  1.062   1.00 7.68  ? 56  HOH B O     1 
HETATM 468 O  O     . HOH F 4 .  ? -8.285  4.082   12.442  1.00 5.03  ? 58  HOH B O     1 
HETATM 469 O  O     . HOH F 4 .  ? -8.442  -7.443  -0.540  1.00 6.84  ? 59  HOH B O     1 
HETATM 470 O  O     . HOH F 4 .  ? 5.322   9.410   3.349   1.00 31.85 ? 60  HOH B O     1 
HETATM 471 O  O     . HOH F 4 .  ? -17.578 -9.704  1.986   1.00 21.48 ? 63  HOH B O     1 
HETATM 472 O  O     . HOH F 4 .  ? -14.720 -2.129  9.333   1.00 8.08  ? 69  HOH B O     1 
HETATM 473 O  O     . HOH F 4 .  ? -6.269  5.714   12.339  1.00 1.00  ? 71  HOH B O     1 
HETATM 474 O  O     . HOH F 4 .  ? 1.376   -0.163  6.777   1.00 22.51 ? 74  HOH B O     1 
HETATM 475 O  O     . HOH F 4 .  ? -11.212 -4.074  7.816   1.00 23.44 ? 75  HOH B O     1 
HETATM 476 O  O     . HOH F 4 .  ? 2.923   8.650   8.909   1.00 29.46 ? 78  HOH B O     1 
HETATM 477 O  O     . HOH F 4 .  ? -8.528  -1.988  -2.963  1.00 8.11  ? 83  HOH B O     1 
HETATM 478 O  O     . HOH F 4 .  ? 2.577   1.506   9.996   1.00 25.94 ? 84  HOH B O     1 
HETATM 479 O  O     . HOH F 4 .  ? -0.035  9.754   7.107   1.00 5.51  ? 89  HOH B O     1 
HETATM 480 O  O     . HOH F 4 .  ? -9.243  1.975   12.876  1.00 18.29 ? 91  HOH B O     1 
HETATM 481 O  O     . HOH F 4 .  ? -10.404 -3.450  -1.916  1.00 25.71 ? 92  HOH B O     1 
HETATM 482 O  O     . HOH F 4 .  ? -14.369 -4.704  7.559   1.00 25.17 ? 93  HOH B O     1 
HETATM 483 O  O     . HOH F 4 .  ? -20.258 -10.653 1.029   1.00 24.55 ? 94  HOH B O     1 
HETATM 484 O  O     . HOH F 4 .  ? 8.073   11.055  4.227   1.00 14.76 ? 95  HOH B O     1 
HETATM 485 O  O     . HOH F 4 .  ? -4.488  7.774   6.915   1.00 21.41 ? 97  HOH B O     1 
HETATM 486 O  O     . HOH F 4 .  ? -10.656 -2.167  0.241   1.00 18.91 ? 98  HOH B O     1 
HETATM 487 O  O     . HOH F 4 .  ? -4.711  -12.972 6.098   1.00 25.57 ? 99  HOH B O     1 
HETATM 488 O  O     . HOH F 4 .  ? -7.217  6.044   14.586  1.00 16.85 ? 102 HOH B O     1 
HETATM 489 O  O     . HOH F 4 .  ? 9.399   6.980   4.635   1.00 17.68 ? 104 HOH B O     1 
HETATM 490 O  O     . HOH F 4 .  ? -4.594  9.008   2.988   1.00 21.16 ? 105 HOH B O     1 
HETATM 491 O  O     . HOH F 4 .  ? -19.630 -5.974  4.376   1.00 18.17 ? 106 HOH B O     1 
HETATM 492 O  O     . HOH F 4 .  ? -23.047 -8.486  -0.791  1.00 14.03 ? 108 HOH B O     1 
HETATM 493 O  O     . HOH F 4 .  ? -17.594 -5.274  6.594   1.00 17.25 ? 109 HOH B O     1 
# 
loop_
_pdbx_poly_seq_scheme.asym_id 
_pdbx_poly_seq_scheme.entity_id 
_pdbx_poly_seq_scheme.seq_id 
_pdbx_poly_seq_scheme.mon_id 
_pdbx_poly_seq_scheme.ndb_seq_num 
_pdbx_poly_seq_scheme.pdb_seq_num 
_pdbx_poly_seq_scheme.auth_seq_num 
_pdbx_poly_seq_scheme.pdb_mon_id 
_pdbx_poly_seq_scheme.auth_mon_id 
_pdbx_poly_seq_scheme.pdb_strand_id 
_pdbx_poly_seq_scheme.pdb_ins_code 
_pdbx_poly_seq_scheme.hetero 
A 1 1  DC  1  1  1  DC  C  A . n 
A 1 2  DC  2  2  2  DC  C  A . n 
A 1 3  DA  3  3  3  DA  A  A . n 
A 1 4  DG  4  4  4  DG  G  A . n 
A 1 5  DT  5  5  5  DT  T  A . n 
A 1 6  DA  6  6  6  DA  A  A . n 
A 1 7  DC  7  7  7  DC  C  A . n 
A 1 8  BRU 8  8  8  BRU +U A . n 
A 1 9  DG  9  9  9  DG  G  A . n 
A 1 10 DG  10 10 10 DG  G  A . n 
B 1 1  DC  1  11 11 DC  C  B . n 
B 1 2  DC  2  12 12 DC  C  B . n 
B 1 3  DA  3  13 13 DA  A  B . n 
B 1 4  DG  4  14 14 DG  G  B . n 
B 1 5  DT  5  15 15 DT  T  B . n 
B 1 6  DA  6  16 16 DA  A  B . n 
B 1 7  DC  7  17 17 DC  C  B . n 
B 1 8  BRU 8  18 18 BRU +U B . n 
B 1 9  DG  9  19 19 DG  G  B . n 
B 1 10 DG  10 20 20 DG  G  B . n 
# 
loop_
_pdbx_nonpoly_scheme.asym_id 
_pdbx_nonpoly_scheme.entity_id 
_pdbx_nonpoly_scheme.mon_id 
_pdbx_nonpoly_scheme.ndb_seq_num 
_pdbx_nonpoly_scheme.pdb_seq_num 
_pdbx_nonpoly_scheme.auth_seq_num 
_pdbx_nonpoly_scheme.pdb_mon_id 
_pdbx_nonpoly_scheme.auth_mon_id 
_pdbx_nonpoly_scheme.pdb_strand_id 
_pdbx_nonpoly_scheme.pdb_ins_code 
C 2 NA  1  37  37  NA  NA  A . 
D 3 CA  1  67  67  CA  CA  A . 
E 4 HOH 1  21  21  HOH HOH A . 
E 4 HOH 2  23  23  HOH HOH A . 
E 4 HOH 3  24  24  HOH HOH A . 
E 4 HOH 4  25  25  HOH HOH A . 
E 4 HOH 5  26  26  HOH HOH A . 
E 4 HOH 6  27  27  HOH HOH A . 
E 4 HOH 7  29  29  HOH HOH A . 
E 4 HOH 8  30  30  HOH HOH A . 
E 4 HOH 9  32  32  HOH HOH A . 
E 4 HOH 10 33  33  HOH HOH A . 
E 4 HOH 11 34  34  HOH HOH A . 
E 4 HOH 12 36  36  HOH HOH A . 
E 4 HOH 13 38  38  HOH HOH A . 
E 4 HOH 14 39  39  HOH HOH A . 
E 4 HOH 15 40  40  HOH HOH A . 
E 4 HOH 16 42  42  HOH HOH A . 
E 4 HOH 17 43  43  HOH HOH A . 
E 4 HOH 18 44  44  HOH HOH A . 
E 4 HOH 19 46  46  HOH HOH A . 
E 4 HOH 20 50  50  HOH HOH A . 
E 4 HOH 21 52  52  HOH HOH A . 
E 4 HOH 22 53  53  HOH HOH A . 
E 4 HOH 23 54  54  HOH HOH A . 
E 4 HOH 24 55  55  HOH HOH A . 
E 4 HOH 25 57  57  HOH HOH A . 
E 4 HOH 26 61  61  HOH HOH A . 
E 4 HOH 27 62  62  HOH HOH A . 
E 4 HOH 28 64  64  HOH HOH A . 
E 4 HOH 29 65  65  HOH HOH A . 
E 4 HOH 30 66  66  HOH HOH A . 
E 4 HOH 31 68  68  HOH HOH A . 
E 4 HOH 32 70  70  HOH HOH A . 
E 4 HOH 33 72  72  HOH HOH A . 
E 4 HOH 34 73  73  HOH HOH A . 
E 4 HOH 35 76  76  HOH HOH A . 
E 4 HOH 36 77  77  HOH HOH A . 
E 4 HOH 37 79  79  HOH HOH A . 
E 4 HOH 38 80  80  HOH HOH A . 
E 4 HOH 39 81  81  HOH HOH A . 
E 4 HOH 40 82  82  HOH HOH A . 
E 4 HOH 41 85  85  HOH HOH A . 
E 4 HOH 42 86  86  HOH HOH A . 
E 4 HOH 43 87  87  HOH HOH A . 
E 4 HOH 44 88  88  HOH HOH A . 
E 4 HOH 45 90  90  HOH HOH A . 
E 4 HOH 46 96  96  HOH HOH A . 
E 4 HOH 47 100 100 HOH HOH A . 
E 4 HOH 48 101 101 HOH HOH A . 
E 4 HOH 49 103 103 HOH HOH A . 
E 4 HOH 50 107 107 HOH HOH A . 
F 4 HOH 1  22  22  HOH HOH B . 
F 4 HOH 2  28  28  HOH HOH B . 
F 4 HOH 3  31  31  HOH HOH B . 
F 4 HOH 4  35  35  HOH HOH B . 
F 4 HOH 5  41  41  HOH HOH B . 
F 4 HOH 6  45  45  HOH HOH B . 
F 4 HOH 7  47  47  HOH HOH B . 
F 4 HOH 8  48  48  HOH HOH B . 
F 4 HOH 9  49  49  HOH HOH B . 
F 4 HOH 10 51  51  HOH HOH B . 
F 4 HOH 11 56  56  HOH HOH B . 
F 4 HOH 12 58  58  HOH HOH B . 
F 4 HOH 13 59  59  HOH HOH B . 
F 4 HOH 14 60  60  HOH HOH B . 
F 4 HOH 15 63  63  HOH HOH B . 
F 4 HOH 16 69  69  HOH HOH B . 
F 4 HOH 17 71  71  HOH HOH B . 
F 4 HOH 18 74  74  HOH HOH B . 
F 4 HOH 19 75  75  HOH HOH B . 
F 4 HOH 20 78  78  HOH HOH B . 
F 4 HOH 21 83  83  HOH HOH B . 
F 4 HOH 22 84  84  HOH HOH B . 
F 4 HOH 23 89  89  HOH HOH B . 
F 4 HOH 24 91  91  HOH HOH B . 
F 4 HOH 25 92  92  HOH HOH B . 
F 4 HOH 26 93  93  HOH HOH B . 
F 4 HOH 27 94  94  HOH HOH B . 
F 4 HOH 28 95  95  HOH HOH B . 
F 4 HOH 29 97  97  HOH HOH B . 
F 4 HOH 30 98  98  HOH HOH B . 
F 4 HOH 31 99  99  HOH HOH B . 
F 4 HOH 32 102 102 HOH HOH B . 
F 4 HOH 33 104 104 HOH HOH B . 
F 4 HOH 34 105 105 HOH HOH B . 
F 4 HOH 35 106 106 HOH HOH B . 
F 4 HOH 36 108 108 HOH HOH B . 
F 4 HOH 37 109 109 HOH HOH B . 
# 
loop_
_pdbx_struct_mod_residue.id 
_pdbx_struct_mod_residue.label_asym_id 
_pdbx_struct_mod_residue.label_comp_id 
_pdbx_struct_mod_residue.label_seq_id 
_pdbx_struct_mod_residue.auth_asym_id 
_pdbx_struct_mod_residue.auth_comp_id 
_pdbx_struct_mod_residue.auth_seq_id 
_pdbx_struct_mod_residue.PDB_ins_code 
_pdbx_struct_mod_residue.parent_comp_id 
_pdbx_struct_mod_residue.details 
1 A BRU 8 A BRU 8  ? DU ? 
2 B BRU 8 B BRU 18 ? DU ? 
# 
_pdbx_struct_assembly.id                   1 
_pdbx_struct_assembly.details              author_defined_assembly 
_pdbx_struct_assembly.method_details       ? 
_pdbx_struct_assembly.oligomeric_details   tetrameric 
_pdbx_struct_assembly.oligomeric_count     4 
# 
_pdbx_struct_assembly_gen.assembly_id       1 
_pdbx_struct_assembly_gen.oper_expression   1,2 
_pdbx_struct_assembly_gen.asym_id_list      A,B,C,D,E,F 
# 
loop_
_pdbx_struct_oper_list.id 
_pdbx_struct_oper_list.type 
_pdbx_struct_oper_list.name 
_pdbx_struct_oper_list.symmetry_operation 
_pdbx_struct_oper_list.matrix[1][1] 
_pdbx_struct_oper_list.matrix[1][2] 
_pdbx_struct_oper_list.matrix[1][3] 
_pdbx_struct_oper_list.vector[1] 
_pdbx_struct_oper_list.matrix[2][1] 
_pdbx_struct_oper_list.matrix[2][2] 
_pdbx_struct_oper_list.matrix[2][3] 
_pdbx_struct_oper_list.vector[2] 
_pdbx_struct_oper_list.matrix[3][1] 
_pdbx_struct_oper_list.matrix[3][2] 
_pdbx_struct_oper_list.matrix[3][3] 
_pdbx_struct_oper_list.vector[3] 
1 'identity operation'         1_555 x,y,z   1.0000000000  0.0000000000  0.0000000000 0.0000000000 0.0000000000  1.0000000000  0.0000000000  0.0000000000   0.0000000000 0.0000000000  1.0000000000 0.0000000000  
2 'crystal symmetry operation' 2_555 -x,y,-z -0.5379252832 -0.1848912755 0.8224667811 0.4554650897 -0.1848912755 -0.9260189261 -0.3290959810 -13.9279720236 0.8224667811 -0.3290959810 0.4639442093 -3.3869081150 
# 
loop_
_pdbx_struct_special_symmetry.id 
_pdbx_struct_special_symmetry.PDB_model_num 
_pdbx_struct_special_symmetry.auth_asym_id 
_pdbx_struct_special_symmetry.auth_comp_id 
_pdbx_struct_special_symmetry.auth_seq_id 
_pdbx_struct_special_symmetry.PDB_ins_code 
_pdbx_struct_special_symmetry.label_asym_id 
_pdbx_struct_special_symmetry.label_comp_id 
_pdbx_struct_special_symmetry.label_seq_id 
1 1 A NA  37 ? C NA  . 
2 1 A HOH 68 ? E HOH . 
3 1 A HOH 86 ? E HOH . 
# 
loop_
_pdbx_struct_conn_angle.id 
_pdbx_struct_conn_angle.ptnr1_label_atom_id 
_pdbx_struct_conn_angle.ptnr1_label_alt_id 
_pdbx_struct_conn_angle.ptnr1_label_asym_id 
_pdbx_struct_conn_angle.ptnr1_label_comp_id 
_pdbx_struct_conn_angle.ptnr1_label_seq_id 
_pdbx_struct_conn_angle.ptnr1_auth_atom_id 
_pdbx_struct_conn_angle.ptnr1_auth_asym_id 
_pdbx_struct_conn_angle.ptnr1_auth_comp_id 
_pdbx_struct_conn_angle.ptnr1_auth_seq_id 
_pdbx_struct_conn_angle.ptnr1_PDB_ins_code 
_pdbx_struct_conn_angle.ptnr1_symmetry 
_pdbx_struct_conn_angle.ptnr2_label_atom_id 
_pdbx_struct_conn_angle.ptnr2_label_alt_id 
_pdbx_struct_conn_angle.ptnr2_label_asym_id 
_pdbx_struct_conn_angle.ptnr2_label_comp_id 
_pdbx_struct_conn_angle.ptnr2_label_seq_id 
_pdbx_struct_conn_angle.ptnr2_auth_atom_id 
_pdbx_struct_conn_angle.ptnr2_auth_asym_id 
_pdbx_struct_conn_angle.ptnr2_auth_comp_id 
_pdbx_struct_conn_angle.ptnr2_auth_seq_id 
_pdbx_struct_conn_angle.ptnr2_PDB_ins_code 
_pdbx_struct_conn_angle.ptnr2_symmetry 
_pdbx_struct_conn_angle.ptnr3_label_atom_id 
_pdbx_struct_conn_angle.ptnr3_label_alt_id 
_pdbx_struct_conn_angle.ptnr3_label_asym_id 
_pdbx_struct_conn_angle.ptnr3_label_comp_id 
_pdbx_struct_conn_angle.ptnr3_label_seq_id 
_pdbx_struct_conn_angle.ptnr3_auth_atom_id 
_pdbx_struct_conn_angle.ptnr3_auth_asym_id 
_pdbx_struct_conn_angle.ptnr3_auth_comp_id 
_pdbx_struct_conn_angle.ptnr3_auth_seq_id 
_pdbx_struct_conn_angle.ptnr3_PDB_ins_code 
_pdbx_struct_conn_angle.ptnr3_symmetry 
_pdbx_struct_conn_angle.value 
_pdbx_struct_conn_angle.value_esd 
1  O ? E HOH . ? A HOH 27 ? 1_555 CA ? D CA . ? A CA 67 ? 1_555 O ? E HOH . ? A HOH 80 ? 1_555 83.5  ? 
2  O ? E HOH . ? A HOH 27 ? 1_555 CA ? D CA . ? A CA 67 ? 1_555 O ? E HOH . ? A HOH 81 ? 1_555 106.8 ? 
3  O ? E HOH . ? A HOH 80 ? 1_555 CA ? D CA . ? A CA 67 ? 1_555 O ? E HOH . ? A HOH 81 ? 1_555 76.9  ? 
4  O ? E HOH . ? A HOH 27 ? 1_555 CA ? D CA . ? A CA 67 ? 1_555 O ? E HOH . ? A HOH 82 ? 1_555 71.0  ? 
5  O ? E HOH . ? A HOH 80 ? 1_555 CA ? D CA . ? A CA 67 ? 1_555 O ? E HOH . ? A HOH 82 ? 1_555 152.0 ? 
6  O ? E HOH . ? A HOH 81 ? 1_555 CA ? D CA . ? A CA 67 ? 1_555 O ? E HOH . ? A HOH 82 ? 1_555 121.1 ? 
7  O ? E HOH . ? A HOH 27 ? 1_555 CA ? D CA . ? A CA 67 ? 1_555 O ? F HOH . ? B HOH 69 ? 2_555 136.1 ? 
8  O ? E HOH . ? A HOH 80 ? 1_555 CA ? D CA . ? A CA 67 ? 1_555 O ? F HOH . ? B HOH 69 ? 2_555 140.0 ? 
9  O ? E HOH . ? A HOH 81 ? 1_555 CA ? D CA . ? A CA 67 ? 1_555 O ? F HOH . ? B HOH 69 ? 2_555 84.5  ? 
10 O ? E HOH . ? A HOH 82 ? 1_555 CA ? D CA . ? A CA 67 ? 1_555 O ? F HOH . ? B HOH 69 ? 2_555 67.1  ? 
11 O ? E HOH . ? A HOH 27 ? 1_555 CA ? D CA . ? A CA 67 ? 1_555 O ? F HOH . ? B HOH 75 ? 2_555 90.3  ? 
12 O ? E HOH . ? A HOH 80 ? 1_555 CA ? D CA . ? A CA 67 ? 1_555 O ? F HOH . ? B HOH 75 ? 2_555 97.6  ? 
13 O ? E HOH . ? A HOH 81 ? 1_555 CA ? D CA . ? A CA 67 ? 1_555 O ? F HOH . ? B HOH 75 ? 2_555 161.0 ? 
14 O ? E HOH . ? A HOH 82 ? 1_555 CA ? D CA . ? A CA 67 ? 1_555 O ? F HOH . ? B HOH 75 ? 2_555 71.7  ? 
15 O ? F HOH . ? B HOH 69 ? 2_555 CA ? D CA . ? A CA 67 ? 1_555 O ? F HOH . ? B HOH 75 ? 2_555 88.8  ? 
16 O ? E HOH . ? A HOH 27 ? 1_555 CA ? D CA . ? A CA 67 ? 1_555 O ? F HOH . ? B HOH 93 ? 2_555 150.1 ? 
17 O ? E HOH . ? A HOH 80 ? 1_555 CA ? D CA . ? A CA 67 ? 1_555 O ? F HOH . ? B HOH 93 ? 2_555 89.4  ? 
18 O ? E HOH . ? A HOH 81 ? 1_555 CA ? D CA . ? A CA 67 ? 1_555 O ? F HOH . ? B HOH 93 ? 2_555 99.7  ? 
19 O ? E HOH . ? A HOH 82 ? 1_555 CA ? D CA . ? A CA 67 ? 1_555 O ? F HOH . ? B HOH 93 ? 2_555 106.7 ? 
20 O ? F HOH . ? B HOH 69 ? 2_555 CA ? D CA . ? A CA 67 ? 1_555 O ? F HOH . ? B HOH 93 ? 2_555 59.1  ? 
21 O ? F HOH . ? B HOH 75 ? 2_555 CA ? D CA . ? A CA 67 ? 1_555 O ? F HOH . ? B HOH 93 ? 2_555 61.8  ? 
# 
loop_
_pdbx_audit_revision_history.ordinal 
_pdbx_audit_revision_history.data_content_type 
_pdbx_audit_revision_history.major_revision 
_pdbx_audit_revision_history.minor_revision 
_pdbx_audit_revision_history.revision_date 
1 'Structure model' 1 0 2003-09-02 
2 'Structure model' 1 1 2008-04-29 
3 'Structure model' 1 2 2011-07-13 
4 'Structure model' 1 3 2011-11-16 
5 'Structure model' 1 4 2023-08-16 
# 
_pdbx_audit_revision_details.ordinal             1 
_pdbx_audit_revision_details.revision_ordinal    1 
_pdbx_audit_revision_details.data_content_type   'Structure model' 
_pdbx_audit_revision_details.provider            repository 
_pdbx_audit_revision_details.type                'Initial release' 
_pdbx_audit_revision_details.description         ? 
_pdbx_audit_revision_details.details             ? 
# 
loop_
_pdbx_audit_revision_group.ordinal 
_pdbx_audit_revision_group.revision_ordinal 
_pdbx_audit_revision_group.data_content_type 
_pdbx_audit_revision_group.group 
1 2 'Structure model' 'Version format compliance' 
2 3 'Structure model' 'Version format compliance' 
3 4 'Structure model' 'Atomic model'              
4 5 'Structure model' 'Data collection'           
5 5 'Structure model' 'Database references'       
6 5 'Structure model' 'Derived calculations'      
7 5 'Structure model' 'Refinement description'    
# 
loop_
_pdbx_audit_revision_category.ordinal 
_pdbx_audit_revision_category.revision_ordinal 
_pdbx_audit_revision_category.data_content_type 
_pdbx_audit_revision_category.category 
1 5 'Structure model' chem_comp_atom                
2 5 'Structure model' chem_comp_bond                
3 5 'Structure model' database_2                    
4 5 'Structure model' pdbx_initial_refinement_model 
5 5 'Structure model' pdbx_struct_conn_angle        
6 5 'Structure model' struct_conn                   
7 5 'Structure model' struct_site                   
# 
loop_
_pdbx_audit_revision_item.ordinal 
_pdbx_audit_revision_item.revision_ordinal 
_pdbx_audit_revision_item.data_content_type 
_pdbx_audit_revision_item.item 
1  5 'Structure model' '_database_2.pdbx_DOI'                      
2  5 'Structure model' '_database_2.pdbx_database_accession'       
3  5 'Structure model' '_pdbx_struct_conn_angle.ptnr1_auth_seq_id' 
4  5 'Structure model' '_pdbx_struct_conn_angle.ptnr3_auth_seq_id' 
5  5 'Structure model' '_pdbx_struct_conn_angle.value'             
6  5 'Structure model' '_struct_conn.conn_type_id'                 
7  5 'Structure model' '_struct_conn.id'                           
8  5 'Structure model' '_struct_conn.pdbx_dist_value'              
9  5 'Structure model' '_struct_conn.pdbx_leaving_atom_flag'       
10 5 'Structure model' '_struct_conn.ptnr1_auth_asym_id'           
11 5 'Structure model' '_struct_conn.ptnr1_auth_comp_id'           
12 5 'Structure model' '_struct_conn.ptnr1_auth_seq_id'            
13 5 'Structure model' '_struct_conn.ptnr1_label_asym_id'          
14 5 'Structure model' '_struct_conn.ptnr1_label_atom_id'          
15 5 'Structure model' '_struct_conn.ptnr1_label_comp_id'          
16 5 'Structure model' '_struct_conn.ptnr1_label_seq_id'           
17 5 'Structure model' '_struct_conn.ptnr2_auth_asym_id'           
18 5 'Structure model' '_struct_conn.ptnr2_auth_comp_id'           
19 5 'Structure model' '_struct_conn.ptnr2_auth_seq_id'            
20 5 'Structure model' '_struct_conn.ptnr2_label_asym_id'          
21 5 'Structure model' '_struct_conn.ptnr2_label_atom_id'          
22 5 'Structure model' '_struct_conn.ptnr2_label_comp_id'          
23 5 'Structure model' '_struct_conn.ptnr2_label_seq_id'           
24 5 'Structure model' '_struct_conn.ptnr2_symmetry'               
25 5 'Structure model' '_struct_site.pdbx_auth_asym_id'            
26 5 'Structure model' '_struct_site.pdbx_auth_comp_id'            
27 5 'Structure model' '_struct_site.pdbx_auth_seq_id'             
# 
loop_
_software.name 
_software.classification 
_software.version 
_software.citation_id 
_software.pdbx_ordinal 
DENZO     'data reduction' .   ? 1 
SCALEPACK 'data scaling'   .   ? 2 
EPMR      phasing          .   ? 3 
CNS       refinement       1.0 ? 4 
# 
_pdbx_validate_planes.id              1 
_pdbx_validate_planes.PDB_model_num   1 
_pdbx_validate_planes.auth_comp_id    DG 
_pdbx_validate_planes.auth_asym_id    B 
_pdbx_validate_planes.auth_seq_id     19 
_pdbx_validate_planes.PDB_ins_code    ? 
_pdbx_validate_planes.label_alt_id    ? 
_pdbx_validate_planes.rmsd            0.054 
_pdbx_validate_planes.type            'SIDE CHAIN' 
# 
loop_
_chem_comp_atom.comp_id 
_chem_comp_atom.atom_id 
_chem_comp_atom.type_symbol 
_chem_comp_atom.pdbx_aromatic_flag 
_chem_comp_atom.pdbx_stereo_config 
_chem_comp_atom.pdbx_ordinal 
BRU N1     N  N N 1   
BRU C2     C  N N 2   
BRU N3     N  N N 3   
BRU C4     C  N N 4   
BRU C5     C  N N 5   
BRU C6     C  N N 6   
BRU O2     O  N N 7   
BRU O4     O  N N 8   
BRU BR     BR N N 9   
BRU "C1'"  C  N R 10  
BRU "C2'"  C  N N 11  
BRU "C3'"  C  N S 12  
BRU "C4'"  C  N R 13  
BRU "O3'"  O  N N 14  
BRU "O4'"  O  N N 15  
BRU "C5'"  C  N N 16  
BRU "O5'"  O  N N 17  
BRU P      P  N N 18  
BRU OP1    O  N N 19  
BRU OP2    O  N N 20  
BRU OP3    O  N N 21  
BRU HN3    H  N N 22  
BRU H6     H  N N 23  
BRU "H1'"  H  N N 24  
BRU "H2'"  H  N N 25  
BRU "H2''" H  N N 26  
BRU "H3'"  H  N N 27  
BRU "H4'"  H  N N 28  
BRU "HO3'" H  N N 29  
BRU "H5'"  H  N N 30  
BRU "H5''" H  N N 31  
BRU HOP2   H  N N 32  
BRU HOP3   H  N N 33  
CA  CA     CA N N 34  
DA  OP3    O  N N 35  
DA  P      P  N N 36  
DA  OP1    O  N N 37  
DA  OP2    O  N N 38  
DA  "O5'"  O  N N 39  
DA  "C5'"  C  N N 40  
DA  "C4'"  C  N R 41  
DA  "O4'"  O  N N 42  
DA  "C3'"  C  N S 43  
DA  "O3'"  O  N N 44  
DA  "C2'"  C  N N 45  
DA  "C1'"  C  N R 46  
DA  N9     N  Y N 47  
DA  C8     C  Y N 48  
DA  N7     N  Y N 49  
DA  C5     C  Y N 50  
DA  C6     C  Y N 51  
DA  N6     N  N N 52  
DA  N1     N  Y N 53  
DA  C2     C  Y N 54  
DA  N3     N  Y N 55  
DA  C4     C  Y N 56  
DA  HOP3   H  N N 57  
DA  HOP2   H  N N 58  
DA  "H5'"  H  N N 59  
DA  "H5''" H  N N 60  
DA  "H4'"  H  N N 61  
DA  "H3'"  H  N N 62  
DA  "HO3'" H  N N 63  
DA  "H2'"  H  N N 64  
DA  "H2''" H  N N 65  
DA  "H1'"  H  N N 66  
DA  H8     H  N N 67  
DA  H61    H  N N 68  
DA  H62    H  N N 69  
DA  H2     H  N N 70  
DC  OP3    O  N N 71  
DC  P      P  N N 72  
DC  OP1    O  N N 73  
DC  OP2    O  N N 74  
DC  "O5'"  O  N N 75  
DC  "C5'"  C  N N 76  
DC  "C4'"  C  N R 77  
DC  "O4'"  O  N N 78  
DC  "C3'"  C  N S 79  
DC  "O3'"  O  N N 80  
DC  "C2'"  C  N N 81  
DC  "C1'"  C  N R 82  
DC  N1     N  N N 83  
DC  C2     C  N N 84  
DC  O2     O  N N 85  
DC  N3     N  N N 86  
DC  C4     C  N N 87  
DC  N4     N  N N 88  
DC  C5     C  N N 89  
DC  C6     C  N N 90  
DC  HOP3   H  N N 91  
DC  HOP2   H  N N 92  
DC  "H5'"  H  N N 93  
DC  "H5''" H  N N 94  
DC  "H4'"  H  N N 95  
DC  "H3'"  H  N N 96  
DC  "HO3'" H  N N 97  
DC  "H2'"  H  N N 98  
DC  "H2''" H  N N 99  
DC  "H1'"  H  N N 100 
DC  H41    H  N N 101 
DC  H42    H  N N 102 
DC  H5     H  N N 103 
DC  H6     H  N N 104 
DG  OP3    O  N N 105 
DG  P      P  N N 106 
DG  OP1    O  N N 107 
DG  OP2    O  N N 108 
DG  "O5'"  O  N N 109 
DG  "C5'"  C  N N 110 
DG  "C4'"  C  N R 111 
DG  "O4'"  O  N N 112 
DG  "C3'"  C  N S 113 
DG  "O3'"  O  N N 114 
DG  "C2'"  C  N N 115 
DG  "C1'"  C  N R 116 
DG  N9     N  Y N 117 
DG  C8     C  Y N 118 
DG  N7     N  Y N 119 
DG  C5     C  Y N 120 
DG  C6     C  N N 121 
DG  O6     O  N N 122 
DG  N1     N  N N 123 
DG  C2     C  N N 124 
DG  N2     N  N N 125 
DG  N3     N  N N 126 
DG  C4     C  Y N 127 
DG  HOP3   H  N N 128 
DG  HOP2   H  N N 129 
DG  "H5'"  H  N N 130 
DG  "H5''" H  N N 131 
DG  "H4'"  H  N N 132 
DG  "H3'"  H  N N 133 
DG  "HO3'" H  N N 134 
DG  "H2'"  H  N N 135 
DG  "H2''" H  N N 136 
DG  "H1'"  H  N N 137 
DG  H8     H  N N 138 
DG  H1     H  N N 139 
DG  H21    H  N N 140 
DG  H22    H  N N 141 
DT  OP3    O  N N 142 
DT  P      P  N N 143 
DT  OP1    O  N N 144 
DT  OP2    O  N N 145 
DT  "O5'"  O  N N 146 
DT  "C5'"  C  N N 147 
DT  "C4'"  C  N R 148 
DT  "O4'"  O  N N 149 
DT  "C3'"  C  N S 150 
DT  "O3'"  O  N N 151 
DT  "C2'"  C  N N 152 
DT  "C1'"  C  N R 153 
DT  N1     N  N N 154 
DT  C2     C  N N 155 
DT  O2     O  N N 156 
DT  N3     N  N N 157 
DT  C4     C  N N 158 
DT  O4     O  N N 159 
DT  C5     C  N N 160 
DT  C7     C  N N 161 
DT  C6     C  N N 162 
DT  HOP3   H  N N 163 
DT  HOP2   H  N N 164 
DT  "H5'"  H  N N 165 
DT  "H5''" H  N N 166 
DT  "H4'"  H  N N 167 
DT  "H3'"  H  N N 168 
DT  "HO3'" H  N N 169 
DT  "H2'"  H  N N 170 
DT  "H2''" H  N N 171 
DT  "H1'"  H  N N 172 
DT  H3     H  N N 173 
DT  H71    H  N N 174 
DT  H72    H  N N 175 
DT  H73    H  N N 176 
DT  H6     H  N N 177 
HOH O      O  N N 178 
HOH H1     H  N N 179 
HOH H2     H  N N 180 
NA  NA     NA N N 181 
# 
loop_
_chem_comp_bond.comp_id 
_chem_comp_bond.atom_id_1 
_chem_comp_bond.atom_id_2 
_chem_comp_bond.value_order 
_chem_comp_bond.pdbx_aromatic_flag 
_chem_comp_bond.pdbx_stereo_config 
_chem_comp_bond.pdbx_ordinal 
BRU N1    C2     sing N N 1   
BRU N1    C6     sing N N 2   
BRU N1    "C1'"  sing N N 3   
BRU C2    N3     sing N N 4   
BRU C2    O2     doub N N 5   
BRU N3    C4     sing N N 6   
BRU N3    HN3    sing N N 7   
BRU C4    C5     sing N N 8   
BRU C4    O4     doub N N 9   
BRU C5    C6     doub N N 10  
BRU C5    BR     sing N N 11  
BRU C6    H6     sing N N 12  
BRU "C1'" "C2'"  sing N N 13  
BRU "C1'" "O4'"  sing N N 14  
BRU "C1'" "H1'"  sing N N 15  
BRU "C2'" "C3'"  sing N N 16  
BRU "C2'" "H2'"  sing N N 17  
BRU "C2'" "H2''" sing N N 18  
BRU "C3'" "C4'"  sing N N 19  
BRU "C3'" "O3'"  sing N N 20  
BRU "C3'" "H3'"  sing N N 21  
BRU "C4'" "O4'"  sing N N 22  
BRU "C4'" "C5'"  sing N N 23  
BRU "C4'" "H4'"  sing N N 24  
BRU "O3'" "HO3'" sing N N 25  
BRU "C5'" "O5'"  sing N N 26  
BRU "C5'" "H5'"  sing N N 27  
BRU "C5'" "H5''" sing N N 28  
BRU "O5'" P      sing N N 29  
BRU P     OP1    doub N N 30  
BRU P     OP2    sing N N 31  
BRU P     OP3    sing N N 32  
BRU OP2   HOP2   sing N N 33  
BRU OP3   HOP3   sing N N 34  
DA  OP3   P      sing N N 35  
DA  OP3   HOP3   sing N N 36  
DA  P     OP1    doub N N 37  
DA  P     OP2    sing N N 38  
DA  P     "O5'"  sing N N 39  
DA  OP2   HOP2   sing N N 40  
DA  "O5'" "C5'"  sing N N 41  
DA  "C5'" "C4'"  sing N N 42  
DA  "C5'" "H5'"  sing N N 43  
DA  "C5'" "H5''" sing N N 44  
DA  "C4'" "O4'"  sing N N 45  
DA  "C4'" "C3'"  sing N N 46  
DA  "C4'" "H4'"  sing N N 47  
DA  "O4'" "C1'"  sing N N 48  
DA  "C3'" "O3'"  sing N N 49  
DA  "C3'" "C2'"  sing N N 50  
DA  "C3'" "H3'"  sing N N 51  
DA  "O3'" "HO3'" sing N N 52  
DA  "C2'" "C1'"  sing N N 53  
DA  "C2'" "H2'"  sing N N 54  
DA  "C2'" "H2''" sing N N 55  
DA  "C1'" N9     sing N N 56  
DA  "C1'" "H1'"  sing N N 57  
DA  N9    C8     sing Y N 58  
DA  N9    C4     sing Y N 59  
DA  C8    N7     doub Y N 60  
DA  C8    H8     sing N N 61  
DA  N7    C5     sing Y N 62  
DA  C5    C6     sing Y N 63  
DA  C5    C4     doub Y N 64  
DA  C6    N6     sing N N 65  
DA  C6    N1     doub Y N 66  
DA  N6    H61    sing N N 67  
DA  N6    H62    sing N N 68  
DA  N1    C2     sing Y N 69  
DA  C2    N3     doub Y N 70  
DA  C2    H2     sing N N 71  
DA  N3    C4     sing Y N 72  
DC  OP3   P      sing N N 73  
DC  OP3   HOP3   sing N N 74  
DC  P     OP1    doub N N 75  
DC  P     OP2    sing N N 76  
DC  P     "O5'"  sing N N 77  
DC  OP2   HOP2   sing N N 78  
DC  "O5'" "C5'"  sing N N 79  
DC  "C5'" "C4'"  sing N N 80  
DC  "C5'" "H5'"  sing N N 81  
DC  "C5'" "H5''" sing N N 82  
DC  "C4'" "O4'"  sing N N 83  
DC  "C4'" "C3'"  sing N N 84  
DC  "C4'" "H4'"  sing N N 85  
DC  "O4'" "C1'"  sing N N 86  
DC  "C3'" "O3'"  sing N N 87  
DC  "C3'" "C2'"  sing N N 88  
DC  "C3'" "H3'"  sing N N 89  
DC  "O3'" "HO3'" sing N N 90  
DC  "C2'" "C1'"  sing N N 91  
DC  "C2'" "H2'"  sing N N 92  
DC  "C2'" "H2''" sing N N 93  
DC  "C1'" N1     sing N N 94  
DC  "C1'" "H1'"  sing N N 95  
DC  N1    C2     sing N N 96  
DC  N1    C6     sing N N 97  
DC  C2    O2     doub N N 98  
DC  C2    N3     sing N N 99  
DC  N3    C4     doub N N 100 
DC  C4    N4     sing N N 101 
DC  C4    C5     sing N N 102 
DC  N4    H41    sing N N 103 
DC  N4    H42    sing N N 104 
DC  C5    C6     doub N N 105 
DC  C5    H5     sing N N 106 
DC  C6    H6     sing N N 107 
DG  OP3   P      sing N N 108 
DG  OP3   HOP3   sing N N 109 
DG  P     OP1    doub N N 110 
DG  P     OP2    sing N N 111 
DG  P     "O5'"  sing N N 112 
DG  OP2   HOP2   sing N N 113 
DG  "O5'" "C5'"  sing N N 114 
DG  "C5'" "C4'"  sing N N 115 
DG  "C5'" "H5'"  sing N N 116 
DG  "C5'" "H5''" sing N N 117 
DG  "C4'" "O4'"  sing N N 118 
DG  "C4'" "C3'"  sing N N 119 
DG  "C4'" "H4'"  sing N N 120 
DG  "O4'" "C1'"  sing N N 121 
DG  "C3'" "O3'"  sing N N 122 
DG  "C3'" "C2'"  sing N N 123 
DG  "C3'" "H3'"  sing N N 124 
DG  "O3'" "HO3'" sing N N 125 
DG  "C2'" "C1'"  sing N N 126 
DG  "C2'" "H2'"  sing N N 127 
DG  "C2'" "H2''" sing N N 128 
DG  "C1'" N9     sing N N 129 
DG  "C1'" "H1'"  sing N N 130 
DG  N9    C8     sing Y N 131 
DG  N9    C4     sing Y N 132 
DG  C8    N7     doub Y N 133 
DG  C8    H8     sing N N 134 
DG  N7    C5     sing Y N 135 
DG  C5    C6     sing N N 136 
DG  C5    C4     doub Y N 137 
DG  C6    O6     doub N N 138 
DG  C6    N1     sing N N 139 
DG  N1    C2     sing N N 140 
DG  N1    H1     sing N N 141 
DG  C2    N2     sing N N 142 
DG  C2    N3     doub N N 143 
DG  N2    H21    sing N N 144 
DG  N2    H22    sing N N 145 
DG  N3    C4     sing N N 146 
DT  OP3   P      sing N N 147 
DT  OP3   HOP3   sing N N 148 
DT  P     OP1    doub N N 149 
DT  P     OP2    sing N N 150 
DT  P     "O5'"  sing N N 151 
DT  OP2   HOP2   sing N N 152 
DT  "O5'" "C5'"  sing N N 153 
DT  "C5'" "C4'"  sing N N 154 
DT  "C5'" "H5'"  sing N N 155 
DT  "C5'" "H5''" sing N N 156 
DT  "C4'" "O4'"  sing N N 157 
DT  "C4'" "C3'"  sing N N 158 
DT  "C4'" "H4'"  sing N N 159 
DT  "O4'" "C1'"  sing N N 160 
DT  "C3'" "O3'"  sing N N 161 
DT  "C3'" "C2'"  sing N N 162 
DT  "C3'" "H3'"  sing N N 163 
DT  "O3'" "HO3'" sing N N 164 
DT  "C2'" "C1'"  sing N N 165 
DT  "C2'" "H2'"  sing N N 166 
DT  "C2'" "H2''" sing N N 167 
DT  "C1'" N1     sing N N 168 
DT  "C1'" "H1'"  sing N N 169 
DT  N1    C2     sing N N 170 
DT  N1    C6     sing N N 171 
DT  C2    O2     doub N N 172 
DT  C2    N3     sing N N 173 
DT  N3    C4     sing N N 174 
DT  N3    H3     sing N N 175 
DT  C4    O4     doub N N 176 
DT  C4    C5     sing N N 177 
DT  C5    C7     sing N N 178 
DT  C5    C6     doub N N 179 
DT  C7    H71    sing N N 180 
DT  C7    H72    sing N N 181 
DT  C7    H73    sing N N 182 
DT  C6    H6     sing N N 183 
HOH O     H1     sing N N 184 
HOH O     H2     sing N N 185 
# 
loop_
_ndb_struct_conf_na.entry_id 
_ndb_struct_conf_na.feature 
1P54 'double helix'        
1P54 'b-form double helix' 
# 
loop_
_ndb_struct_na_base_pair.model_number 
_ndb_struct_na_base_pair.i_label_asym_id 
_ndb_struct_na_base_pair.i_label_comp_id 
_ndb_struct_na_base_pair.i_label_seq_id 
_ndb_struct_na_base_pair.i_symmetry 
_ndb_struct_na_base_pair.j_label_asym_id 
_ndb_struct_na_base_pair.j_label_comp_id 
_ndb_struct_na_base_pair.j_label_seq_id 
_ndb_struct_na_base_pair.j_symmetry 
_ndb_struct_na_base_pair.shear 
_ndb_struct_na_base_pair.stretch 
_ndb_struct_na_base_pair.stagger 
_ndb_struct_na_base_pair.buckle 
_ndb_struct_na_base_pair.propeller 
_ndb_struct_na_base_pair.opening 
_ndb_struct_na_base_pair.pair_number 
_ndb_struct_na_base_pair.pair_name 
_ndb_struct_na_base_pair.i_auth_asym_id 
_ndb_struct_na_base_pair.i_auth_seq_id 
_ndb_struct_na_base_pair.i_PDB_ins_code 
_ndb_struct_na_base_pair.j_auth_asym_id 
_ndb_struct_na_base_pair.j_auth_seq_id 
_ndb_struct_na_base_pair.j_PDB_ins_code 
_ndb_struct_na_base_pair.hbond_type_28 
_ndb_struct_na_base_pair.hbond_type_12 
1 A DC 1 1_555 B DG  10 1_555 0.041  -0.058 0.058 -0.110 -13.775 0.485  1 A_DC1:DG20_B  A 1 ? B 20 ? 19 1 
1 A DC 2 1_555 B DG  9  1_555 0.469  -0.121 0.543 -1.830 -16.662 -0.482 2 A_DC2:DG19_B  A 2 ? B 19 ? 19 1 
1 A DA 3 1_555 B BRU 8  1_555 -0.085 -0.067 0.417 -3.669 -6.015  1.743  3 A_DA3:BRU18_B A 3 ? B 18 ? 20 1 
1 A DG 4 1_555 B DC  7  1_555 -0.843 -0.485 0.221 4.459  -16.673 -6.000 4 A_DG4:DC17_B  A 4 ? B 17 ? 19 1 
1 A DT 5 1_555 B DA  6  1_555 0.106  -0.055 0.178 4.364  -0.040  4.769  5 A_DT5:DA16_B  A 5 ? B 16 ? 20 1 
1 A DA 6 1_555 B DT  5  1_555 0.217  0.159  0.205 14.311 -16.557 3.463  6 A_DA6:DT15_B  A 6 ? B 15 ? 20 1 
# 
loop_
_ndb_struct_na_base_pair_step.model_number 
_ndb_struct_na_base_pair_step.i_label_asym_id_1 
_ndb_struct_na_base_pair_step.i_label_comp_id_1 
_ndb_struct_na_base_pair_step.i_label_seq_id_1 
_ndb_struct_na_base_pair_step.i_symmetry_1 
_ndb_struct_na_base_pair_step.j_label_asym_id_1 
_ndb_struct_na_base_pair_step.j_label_comp_id_1 
_ndb_struct_na_base_pair_step.j_label_seq_id_1 
_ndb_struct_na_base_pair_step.j_symmetry_1 
_ndb_struct_na_base_pair_step.i_label_asym_id_2 
_ndb_struct_na_base_pair_step.i_label_comp_id_2 
_ndb_struct_na_base_pair_step.i_label_seq_id_2 
_ndb_struct_na_base_pair_step.i_symmetry_2 
_ndb_struct_na_base_pair_step.j_label_asym_id_2 
_ndb_struct_na_base_pair_step.j_label_comp_id_2 
_ndb_struct_na_base_pair_step.j_label_seq_id_2 
_ndb_struct_na_base_pair_step.j_symmetry_2 
_ndb_struct_na_base_pair_step.shift 
_ndb_struct_na_base_pair_step.slide 
_ndb_struct_na_base_pair_step.rise 
_ndb_struct_na_base_pair_step.tilt 
_ndb_struct_na_base_pair_step.roll 
_ndb_struct_na_base_pair_step.twist 
_ndb_struct_na_base_pair_step.x_displacement 
_ndb_struct_na_base_pair_step.y_displacement 
_ndb_struct_na_base_pair_step.helical_rise 
_ndb_struct_na_base_pair_step.inclination 
_ndb_struct_na_base_pair_step.tip 
_ndb_struct_na_base_pair_step.helical_twist 
_ndb_struct_na_base_pair_step.step_number 
_ndb_struct_na_base_pair_step.step_name 
_ndb_struct_na_base_pair_step.i_auth_asym_id_1 
_ndb_struct_na_base_pair_step.i_auth_seq_id_1 
_ndb_struct_na_base_pair_step.i_PDB_ins_code_1 
_ndb_struct_na_base_pair_step.j_auth_asym_id_1 
_ndb_struct_na_base_pair_step.j_auth_seq_id_1 
_ndb_struct_na_base_pair_step.j_PDB_ins_code_1 
_ndb_struct_na_base_pair_step.i_auth_asym_id_2 
_ndb_struct_na_base_pair_step.i_auth_seq_id_2 
_ndb_struct_na_base_pair_step.i_PDB_ins_code_2 
_ndb_struct_na_base_pair_step.j_auth_asym_id_2 
_ndb_struct_na_base_pair_step.j_auth_seq_id_2 
_ndb_struct_na_base_pair_step.j_PDB_ins_code_2 
1 A DC 1 1_555 B DG  10 1_555 A DC 2 1_555 B DG  9 1_555 0.200  2.022  3.646 6.057  2.540   45.082 2.359  0.346  3.743 3.292   
-7.850 45.533 1 AA_DC1DC2:DG19DG20_BB  A 1 ? B 20 ? A 2 ? B 19 ? 
1 A DC 2 1_555 B DG  9  1_555 A DA 3 1_555 B BRU 8 1_555 0.263  2.820  3.276 2.188  -15.048 42.898 4.811  -0.173 2.226 -19.845 
-2.885 45.393 2 AA_DC2DA3:BRU18DG19_BB A 2 ? B 19 ? A 3 ? B 18 ? 
1 A DA 3 1_555 B BRU 8  1_555 A DG 4 1_555 B DC  7 1_555 0.383  0.066  3.132 -0.576 6.329   34.058 -0.823 -0.728 3.088 10.690  
0.973  34.629 3 AA_DA3DG4:DC17BRU18_BB A 3 ? B 18 ? A 4 ? B 17 ? 
1 A DG 4 1_555 B DC  7  1_555 A DT 5 1_555 B DA  6 1_555 0.806  -0.076 3.204 3.047  8.337   29.301 -1.779 -0.931 3.130 16.024  
-5.856 30.588 4 AA_DG4DT5:DA16DC17_BB  A 4 ? B 17 ? A 5 ? B 16 ? 
1 A DT 5 1_555 B DA  6  1_555 A DA 6 1_555 B DT  5 1_555 -0.797 0.824  3.175 1.202  2.485   38.339 0.951  1.356  3.194 3.777   
-1.828 38.435 5 AA_DT5DA6:DT15DA16_BB  A 5 ? B 16 ? A 6 ? B 15 ? 
# 
loop_
_pdbx_entity_nonpoly.entity_id 
_pdbx_entity_nonpoly.name 
_pdbx_entity_nonpoly.comp_id 
2 'SODIUM ION'  NA  
3 'CALCIUM ION' CA  
4 water         HOH 
# 
_pdbx_initial_refinement_model.id               1 
_pdbx_initial_refinement_model.entity_id_list   ? 
_pdbx_initial_refinement_model.type             'experimental model' 
_pdbx_initial_refinement_model.source_name      PDB 
_pdbx_initial_refinement_model.accession_code   1L6B 
_pdbx_initial_refinement_model.details          '1L6B USED FOR INITIAL SOLUTION VIA MOLECULAR REPLACEMENT' 
# 
